data_9CQA
#
_entry.id   9CQA
#
_cell.length_a   76.418
_cell.length_b   80.753
_cell.length_c   175.181
_cell.angle_alpha   90.00
_cell.angle_beta   90.00
_cell.angle_gamma   90.00
#
_symmetry.space_group_name_H-M   'P 21 21 21'
#
loop_
_entity.id
_entity.type
_entity.pdbx_description
1 polymer 'Fab 1G1 Heavy Chain'
2 polymer 'Fab1G1 Light Chain'
3 polymer 'Mature secreted glycoprotein G'
4 non-polymer 'SULFATE ION'
5 water water
#
loop_
_entity_poly.entity_id
_entity_poly.type
_entity_poly.pdbx_seq_one_letter_code
_entity_poly.pdbx_strand_id
1 'polypeptide(L)'
;QVHLVQSGVEVKKPGASVRVSCKASGYTFATYGITWVRQAPGRGLEWVGWITPYNDRTSYAQIFHGRVTMTTDTSTNTAY
MELRSLRSDDTAMYYCARNHCNFYHDFWSGLDYWGQGTLVSVSSASTKGPSVFPLAPSSKSTSGGTAALGCLVKDYFPEP
VTVSWNSGALTSGVHTFPAVLQSSGLYSLSSVVTVPSSSLGTQTYICNVNHKPSNTKVDKKVEPKSCASLVPRGSGWSHP
QFEKGGGSGGGSGGGSWSHPQFEK
;
E,D
2 'polypeptide(L)'
;SFELTQPPSVSVSPGQTARITCSGDALPKQYVYWYQQKPGQAPVLVIYKTTERPSGIPERFSDSSSGTTVTLTISAAQAE
DEADYYCQSVDSSGTYVFGIGTKVTVLGRTVAAPSVFIFPPSDEQLKSGTASVVCLLNNFYPREAKVQWKVDNALQSGNS
QESVTEQDSKDSTYSLSSTLTLSKADYEKHKVYACEVTHQGLSSPVTKSFNRGEC
;
F,G
3 'polypeptide(L)' MGSKPNNDFHFEVFNFVPCSICSNNPTCWAICKRIPNKKPGKKHHHHHH A,B
#
loop_
_chem_comp.id
_chem_comp.type
_chem_comp.name
_chem_comp.formula
SO4 non-polymer 'SULFATE ION' 'O4 S -2'
#
# COMPACT_ATOMS: atom_id res chain seq x y z
N GLN A 1 35.51 -8.41 7.89
CA GLN A 1 35.43 -9.87 8.14
C GLN A 1 33.97 -10.26 8.31
N VAL A 2 33.06 -9.29 8.46
CA VAL A 2 31.61 -9.61 8.52
C VAL A 2 31.02 -9.59 7.11
N HIS A 3 30.25 -10.61 6.76
CA HIS A 3 29.55 -10.66 5.48
C HIS A 3 28.12 -11.13 5.70
N LEU A 4 27.19 -10.54 4.97
CA LEU A 4 25.81 -11.02 4.88
C LEU A 4 25.54 -11.28 3.41
N VAL A 5 25.15 -12.51 3.08
CA VAL A 5 24.95 -12.91 1.69
C VAL A 5 23.51 -13.36 1.52
N GLN A 6 22.79 -12.74 0.58
CA GLN A 6 21.38 -12.97 0.36
C GLN A 6 21.16 -13.92 -0.83
N SER A 7 19.98 -14.53 -0.85
CA SER A 7 19.55 -15.40 -1.94
C SER A 7 19.24 -14.57 -3.20
N GLY A 8 19.05 -15.26 -4.32
CA GLY A 8 18.97 -14.61 -5.61
C GLY A 8 17.58 -14.10 -5.98
N VAL A 9 17.51 -13.57 -7.22
CA VAL A 9 16.35 -12.83 -7.69
C VAL A 9 15.12 -13.72 -7.67
N GLU A 10 13.98 -13.15 -7.32
CA GLU A 10 12.71 -13.86 -7.28
C GLU A 10 11.73 -13.18 -8.21
N VAL A 11 11.05 -13.97 -9.04
CA VAL A 11 9.98 -13.48 -9.90
C VAL A 11 8.72 -14.26 -9.55
N LYS A 12 7.74 -13.59 -8.98
CA LYS A 12 6.57 -14.25 -8.39
C LYS A 12 5.28 -13.70 -8.98
N LYS A 13 4.24 -14.53 -9.00
CA LYS A 13 2.94 -14.06 -9.44
C LYS A 13 2.15 -13.50 -8.26
N PRO A 14 1.21 -12.58 -8.51
CA PRO A 14 0.39 -12.04 -7.42
C PRO A 14 -0.26 -13.17 -6.64
N GLY A 15 -0.35 -13.00 -5.32
CA GLY A 15 -0.88 -14.02 -4.44
C GLY A 15 0.11 -15.06 -3.97
N ALA A 16 1.24 -15.22 -4.64
CA ALA A 16 2.24 -16.20 -4.20
C ALA A 16 2.95 -15.69 -2.95
N SER A 17 3.83 -16.51 -2.40
CA SER A 17 4.68 -16.11 -1.31
C SER A 17 6.15 -16.24 -1.74
N VAL A 18 7.02 -15.53 -1.03
CA VAL A 18 8.45 -15.55 -1.32
C VAL A 18 9.20 -15.67 0.00
N ARG A 19 10.32 -16.39 -0.03
CA ARG A 19 11.23 -16.48 1.10
C ARG A 19 12.61 -16.01 0.66
N VAL A 20 13.20 -15.11 1.42
CA VAL A 20 14.55 -14.60 1.15
C VAL A 20 15.45 -15.00 2.30
N SER A 21 16.65 -15.48 1.99
CA SER A 21 17.57 -15.84 3.04
C SER A 21 18.72 -14.84 3.13
N CYS A 22 19.40 -14.86 4.28
CA CYS A 22 20.47 -13.93 4.60
C CYS A 22 21.46 -14.73 5.43
N LYS A 23 22.60 -15.12 4.83
CA LYS A 23 23.60 -15.97 5.47
C LYS A 23 24.73 -15.15 6.04
N ALA A 24 24.98 -15.30 7.33
CA ALA A 24 25.97 -14.50 8.05
C ALA A 24 27.31 -15.22 8.14
N SER A 25 28.38 -14.42 8.15
CA SER A 25 29.71 -14.95 8.45
C SER A 25 30.50 -13.86 9.16
N GLY A 26 31.44 -14.29 10.01
CA GLY A 26 32.42 -13.38 10.56
C GLY A 26 32.07 -12.77 11.90
N TYR A 27 30.99 -13.22 12.54
CA TYR A 27 30.65 -12.69 13.85
C TYR A 27 29.76 -13.70 14.56
N THR A 28 29.52 -13.45 15.84
CA THR A 28 28.68 -14.36 16.63
C THR A 28 27.22 -14.02 16.35
N PHE A 29 26.63 -14.79 15.45
CA PHE A 29 25.32 -14.49 14.89
C PHE A 29 24.28 -14.31 15.98
N ALA A 30 24.37 -15.10 17.04
CA ALA A 30 23.31 -15.13 18.04
C ALA A 30 23.34 -13.95 19.00
N THR A 31 24.32 -13.03 18.91
CA THR A 31 24.31 -11.88 19.79
C THR A 31 23.82 -10.59 19.11
N TYR A 32 23.57 -10.63 17.80
CA TYR A 32 23.09 -9.46 17.04
C TYR A 32 21.72 -9.77 16.47
N GLY A 33 21.00 -8.73 16.09
CA GLY A 33 19.77 -8.92 15.33
C GLY A 33 20.00 -8.85 13.84
N ILE A 34 18.97 -9.25 13.11
CA ILE A 34 18.91 -9.06 11.67
C ILE A 34 17.72 -8.17 11.38
N THR A 35 17.95 -7.13 10.59
CA THR A 35 16.94 -6.17 10.18
C THR A 35 16.67 -6.38 8.70
N TRP A 36 15.43 -6.20 8.28
CA TRP A 36 15.11 -6.21 6.86
C TRP A 36 14.57 -4.84 6.46
N VAL A 37 15.03 -4.36 5.32
CA VAL A 37 14.64 -3.06 4.79
C VAL A 37 14.30 -3.28 3.32
N ARG A 38 13.29 -2.56 2.84
CA ARG A 38 12.74 -2.73 1.51
C ARG A 38 12.89 -1.45 0.72
N GLN A 39 13.12 -1.56 -0.59
CA GLN A 39 13.23 -0.37 -1.45
C GLN A 39 12.54 -0.61 -2.79
N ALA A 40 11.38 0.00 -2.98
CA ALA A 40 10.70 -0.08 -4.27
C ALA A 40 11.47 0.73 -5.33
N PRO A 41 11.30 0.39 -6.61
CA PRO A 41 12.08 1.08 -7.64
C PRO A 41 11.83 2.58 -7.60
N GLY A 42 12.92 3.34 -7.53
CA GLY A 42 12.85 4.78 -7.49
C GLY A 42 12.43 5.38 -6.17
N ARG A 43 12.24 4.58 -5.12
CA ARG A 43 11.73 5.09 -3.86
C ARG A 43 12.76 4.89 -2.73
N GLY A 44 12.36 5.24 -1.52
CA GLY A 44 13.28 5.28 -0.41
C GLY A 44 13.32 4.00 0.39
N LEU A 45 14.14 4.02 1.44
CA LEU A 45 14.28 2.86 2.30
C LEU A 45 13.10 2.75 3.25
N GLU A 46 12.52 1.56 3.33
CA GLU A 46 11.36 1.27 4.17
C GLU A 46 11.72 0.15 5.14
N TRP A 47 11.71 0.46 6.43
CA TRP A 47 11.93 -0.55 7.46
C TRP A 47 10.84 -1.62 7.41
N VAL A 48 11.25 -2.88 7.36
CA VAL A 48 10.32 -4.01 7.45
C VAL A 48 10.20 -4.53 8.87
N GLY A 49 11.34 -4.76 9.52
CA GLY A 49 11.36 -5.23 10.88
C GLY A 49 12.72 -5.78 11.27
N TRP A 50 12.78 -6.28 12.50
CA TRP A 50 13.98 -6.99 12.95
C TRP A 50 13.58 -8.21 13.74
N ILE A 51 14.55 -9.12 13.86
CA ILE A 51 14.45 -10.34 14.66
C ILE A 51 15.72 -10.50 15.47
N THR A 52 15.57 -10.76 16.77
CA THR A 52 16.74 -11.06 17.59
C THR A 52 16.71 -12.55 17.97
N PRO A 53 17.76 -13.31 17.63
CA PRO A 53 17.73 -14.77 17.84
C PRO A 53 17.82 -15.22 19.29
N TYR A 54 18.38 -14.42 20.19
CA TYR A 54 18.53 -14.84 21.58
C TYR A 54 17.25 -14.77 22.39
N ASN A 55 16.15 -14.29 21.82
CA ASN A 55 14.86 -14.36 22.48
C ASN A 55 13.75 -14.61 21.46
N ASP A 56 14.10 -14.88 20.20
CA ASP A 56 13.13 -15.07 19.12
C ASP A 56 12.10 -13.94 19.04
N ARG A 57 12.47 -12.73 19.46
CA ARG A 57 11.50 -11.65 19.40
C ARG A 57 11.60 -10.97 18.04
N THR A 58 10.46 -10.48 17.56
CA THR A 58 10.38 -9.81 16.28
C THR A 58 9.57 -8.53 16.42
N SER A 59 9.91 -7.54 15.61
CA SER A 59 9.15 -6.30 15.54
C SER A 59 9.03 -5.99 14.06
N TYR A 60 7.80 -5.82 13.59
CA TYR A 60 7.52 -5.50 12.20
C TYR A 60 6.82 -4.15 12.12
N ALA A 61 7.08 -3.42 11.05
CA ALA A 61 6.26 -2.25 10.76
C ALA A 61 4.81 -2.69 10.57
N GLN A 62 3.88 -1.92 11.15
CA GLN A 62 2.43 -2.29 11.19
C GLN A 62 1.90 -2.76 9.84
N ILE A 63 2.32 -2.11 8.76
CA ILE A 63 1.77 -2.47 7.46
C ILE A 63 2.11 -3.90 7.07
N PHE A 64 3.10 -4.52 7.71
CA PHE A 64 3.48 -5.88 7.35
C PHE A 64 2.90 -6.92 8.30
N HIS A 65 2.21 -6.50 9.35
CA HIS A 65 1.63 -7.46 10.30
C HIS A 65 0.71 -8.44 9.58
N GLY A 66 0.91 -9.73 9.88
CA GLY A 66 0.10 -10.77 9.27
C GLY A 66 0.55 -11.22 7.90
N ARG A 67 1.44 -10.49 7.25
CA ARG A 67 1.92 -10.83 5.91
C ARG A 67 3.39 -11.23 5.88
N VAL A 68 4.20 -10.77 6.84
CA VAL A 68 5.62 -11.04 6.87
C VAL A 68 5.91 -11.91 8.08
N THR A 69 6.86 -12.84 7.91
CA THR A 69 7.37 -13.63 9.01
C THR A 69 8.89 -13.62 8.90
N MET A 70 9.57 -13.20 9.95
CA MET A 70 11.00 -13.40 10.03
C MET A 70 11.33 -14.55 10.97
N THR A 71 12.31 -15.34 10.56
CA THR A 71 12.82 -16.41 11.41
C THR A 71 14.33 -16.38 11.36
N THR A 72 14.97 -16.98 12.37
CA THR A 72 16.40 -17.20 12.31
C THR A 72 16.67 -18.66 12.63
N ASP A 73 17.67 -19.21 11.96
CA ASP A 73 18.09 -20.58 12.15
C ASP A 73 19.50 -20.50 12.69
N THR A 74 19.64 -20.58 14.01
CA THR A 74 20.95 -20.52 14.63
C THR A 74 21.81 -21.74 14.31
N SER A 75 21.22 -22.83 13.81
CA SER A 75 22.06 -23.96 13.43
C SER A 75 22.75 -23.74 12.10
N THR A 76 22.19 -22.94 11.19
CA THR A 76 22.86 -22.60 9.94
C THR A 76 23.31 -21.15 9.87
N ASN A 77 23.13 -20.39 10.95
CA ASN A 77 23.45 -18.97 11.00
C ASN A 77 22.90 -18.23 9.79
N THR A 78 21.59 -18.44 9.56
CA THR A 78 20.85 -17.87 8.44
C THR A 78 19.58 -17.22 8.97
N ALA A 79 19.26 -16.02 8.45
CA ALA A 79 17.98 -15.38 8.74
C ALA A 79 17.10 -15.46 7.50
N TYR A 80 15.77 -15.53 7.71
CA TYR A 80 14.82 -15.60 6.60
C TYR A 80 13.73 -14.56 6.78
N MET A 81 13.28 -14.00 5.65
CA MET A 81 12.08 -13.18 5.61
C MET A 81 11.13 -13.83 4.61
N GLU A 82 9.93 -14.18 5.07
CA GLU A 82 8.87 -14.66 4.20
C GLU A 82 7.79 -13.60 4.06
N LEU A 83 7.38 -13.34 2.83
CA LEU A 83 6.31 -12.37 2.55
C LEU A 83 5.20 -13.10 1.82
N ARG A 84 3.99 -13.07 2.35
CA ARG A 84 2.88 -13.82 1.79
C ARG A 84 1.93 -12.88 1.06
N SER A 85 1.06 -13.47 0.23
CA SER A 85 -0.02 -12.75 -0.45
C SER A 85 0.55 -11.57 -1.24
N LEU A 86 1.55 -11.88 -2.07
CA LEU A 86 2.29 -10.82 -2.79
C LEU A 86 1.38 -9.99 -3.71
N ARG A 87 1.65 -8.68 -3.80
CA ARG A 87 0.90 -7.80 -4.72
C ARG A 87 1.93 -7.03 -5.55
N SER A 88 1.54 -6.50 -6.71
CA SER A 88 2.50 -5.82 -7.61
C SER A 88 3.37 -4.83 -6.83
N ASP A 89 2.79 -4.10 -5.88
CA ASP A 89 3.56 -3.08 -5.17
C ASP A 89 4.45 -3.66 -4.07
N ASP A 90 4.53 -4.98 -3.94
CA ASP A 90 5.59 -5.61 -3.16
C ASP A 90 6.90 -5.73 -3.94
N THR A 91 6.89 -5.38 -5.23
CA THR A 91 8.11 -5.38 -6.04
C THR A 91 9.10 -4.42 -5.41
N ALA A 92 10.27 -4.93 -5.05
CA ALA A 92 11.24 -4.10 -4.36
C ALA A 92 12.55 -4.87 -4.22
N MET A 93 13.62 -4.11 -3.96
CA MET A 93 14.84 -4.68 -3.43
C MET A 93 14.70 -4.87 -1.93
N TYR A 94 14.99 -6.08 -1.46
CA TYR A 94 14.90 -6.42 -0.05
C TYR A 94 16.31 -6.61 0.48
N TYR A 95 16.68 -5.85 1.51
CA TYR A 95 18.01 -5.95 2.13
C TYR A 95 17.90 -6.56 3.51
N CYS A 96 18.87 -7.41 3.87
CA CYS A 96 19.07 -7.68 5.28
C CYS A 96 20.24 -6.85 5.79
N ALA A 97 20.24 -6.56 7.08
CA ALA A 97 21.30 -5.76 7.67
C ALA A 97 21.44 -6.16 9.14
N ARG A 98 22.60 -5.87 9.71
CA ARG A 98 22.90 -6.28 11.08
C ARG A 98 22.64 -5.14 12.05
N ASN A 99 21.77 -5.37 13.02
CA ASN A 99 21.59 -4.43 14.13
C ASN A 99 21.81 -5.16 15.45
N HIS A 100 21.69 -4.43 16.55
CA HIS A 100 21.83 -5.01 17.88
C HIS A 100 21.21 -4.05 18.88
N CYS A 101 21.05 -4.55 20.12
CA CYS A 101 20.59 -3.68 21.22
C CYS A 101 21.76 -3.57 22.21
N ASN A 102 22.28 -2.36 22.42
CA ASN A 102 23.36 -2.16 23.37
C ASN A 102 22.76 -2.20 24.77
N PHE A 103 23.09 -3.25 25.53
CA PHE A 103 22.44 -3.45 26.81
C PHE A 103 23.07 -2.61 27.91
N TYR A 104 24.36 -2.29 27.81
CA TYR A 104 25.00 -1.39 28.76
C TYR A 104 24.26 -0.06 28.82
N HIS A 105 24.12 0.60 27.67
CA HIS A 105 23.58 1.95 27.57
C HIS A 105 22.13 1.99 27.10
N ASP A 106 21.52 0.83 26.86
CA ASP A 106 20.10 0.71 26.57
C ASP A 106 19.68 1.54 25.34
N PHE A 107 20.26 1.20 24.19
CA PHE A 107 19.81 1.79 22.94
C PHE A 107 19.91 0.76 21.81
N TRP A 108 19.00 0.88 20.85
CA TRP A 108 19.07 0.12 19.61
C TRP A 108 20.03 0.77 18.63
N SER A 109 20.75 -0.07 17.89
CA SER A 109 21.90 0.38 17.10
C SER A 109 21.51 0.78 15.68
N GLY A 110 22.49 1.32 14.94
CA GLY A 110 22.36 1.46 13.50
C GLY A 110 22.66 0.16 12.80
N LEU A 111 22.62 0.21 11.46
CA LEU A 111 22.74 -0.98 10.62
C LEU A 111 24.15 -0.96 10.02
N ASP A 112 25.07 -1.74 10.61
CA ASP A 112 26.46 -1.53 10.23
C ASP A 112 26.88 -2.36 9.03
N TYR A 113 26.44 -3.60 8.90
CA TYR A 113 26.74 -4.41 7.73
C TYR A 113 25.45 -4.75 7.00
N TRP A 114 25.52 -4.72 5.67
CA TRP A 114 24.36 -4.94 4.82
C TRP A 114 24.58 -6.10 3.87
N GLY A 115 23.51 -6.86 3.60
CA GLY A 115 23.52 -7.79 2.50
C GLY A 115 23.51 -7.07 1.17
N GLN A 116 23.66 -7.84 0.08
CA GLN A 116 23.74 -7.22 -1.24
C GLN A 116 22.37 -6.90 -1.83
N GLY A 117 21.29 -7.29 -1.19
CA GLY A 117 19.96 -7.08 -1.76
C GLY A 117 19.49 -8.27 -2.56
N THR A 118 18.18 -8.52 -2.46
CA THR A 118 17.45 -9.51 -3.24
C THR A 118 16.30 -8.79 -3.96
N LEU A 119 16.30 -8.82 -5.28
CA LEU A 119 15.19 -8.24 -6.03
C LEU A 119 14.02 -9.22 -6.05
N VAL A 120 12.84 -8.78 -5.59
CA VAL A 120 11.61 -9.57 -5.66
C VAL A 120 10.68 -8.83 -6.61
N SER A 121 10.35 -9.47 -7.74
CA SER A 121 9.48 -8.88 -8.74
C SER A 121 8.15 -9.62 -8.74
N VAL A 122 7.04 -8.87 -8.69
CA VAL A 122 5.70 -9.45 -8.66
C VAL A 122 4.97 -9.04 -9.92
N SER A 123 4.57 -10.02 -10.72
CA SER A 123 3.66 -9.72 -11.83
C SER A 123 3.10 -11.02 -12.38
N SER A 124 2.04 -10.86 -13.16
CA SER A 124 1.35 -11.98 -13.77
C SER A 124 1.88 -12.32 -15.15
N ALA A 125 2.84 -11.55 -15.67
CA ALA A 125 3.41 -11.84 -16.97
C ALA A 125 4.14 -13.17 -16.97
N SER A 126 4.23 -13.79 -18.14
CA SER A 126 4.93 -15.04 -18.35
C SER A 126 6.19 -14.79 -19.17
N THR A 127 7.13 -15.72 -19.08
CA THR A 127 8.39 -15.59 -19.80
C THR A 127 8.15 -15.44 -21.30
N LYS A 128 8.81 -14.46 -21.90
CA LYS A 128 8.70 -14.21 -23.33
C LYS A 128 10.00 -13.59 -23.83
N GLY A 129 10.54 -14.13 -24.91
CA GLY A 129 11.72 -13.59 -25.53
C GLY A 129 11.41 -12.32 -26.31
N PRO A 130 12.40 -11.45 -26.45
CA PRO A 130 12.18 -10.17 -27.15
C PRO A 130 12.18 -10.32 -28.66
N SER A 131 11.49 -9.39 -29.31
CA SER A 131 11.71 -9.11 -30.72
C SER A 131 12.79 -8.04 -30.84
N VAL A 132 13.63 -8.14 -31.87
CA VAL A 132 14.77 -7.25 -32.03
C VAL A 132 14.69 -6.57 -33.39
N PHE A 133 14.53 -5.25 -33.39
CA PHE A 133 14.32 -4.45 -34.59
C PHE A 133 15.44 -3.45 -34.78
N PRO A 134 15.85 -3.19 -36.01
CA PRO A 134 16.93 -2.22 -36.24
C PRO A 134 16.45 -0.79 -36.09
N LEU A 135 17.33 0.06 -35.56
CA LEU A 135 17.14 1.51 -35.53
C LEU A 135 18.13 2.11 -36.52
N ALA A 136 17.64 2.48 -37.69
CA ALA A 136 18.51 2.96 -38.75
C ALA A 136 18.18 4.41 -39.07
N PRO A 137 19.20 5.24 -39.43
CA PRO A 137 19.11 6.69 -39.66
C PRO A 137 17.78 7.16 -40.26
N GLY A 145 29.25 14.34 -40.12
CA GLY A 145 29.20 14.54 -38.67
C GLY A 145 29.02 13.21 -37.94
N THR A 146 28.06 13.15 -37.02
CA THR A 146 27.85 11.92 -36.23
C THR A 146 26.52 11.26 -36.60
N ALA A 147 26.54 9.95 -36.78
CA ALA A 147 25.29 9.22 -37.04
C ALA A 147 24.91 8.38 -35.82
N ALA A 148 23.62 8.09 -35.68
CA ALA A 148 23.16 7.20 -34.61
C ALA A 148 22.45 6.01 -35.21
N LEU A 149 22.68 4.83 -34.64
CA LEU A 149 21.96 3.64 -35.04
C LEU A 149 21.78 2.79 -33.79
N GLY A 150 20.93 1.77 -33.89
CA GLY A 150 20.71 0.97 -32.71
C GLY A 150 19.82 -0.22 -32.99
N CYS A 151 19.37 -0.83 -31.89
CA CYS A 151 18.42 -1.94 -31.91
C CYS A 151 17.37 -1.72 -30.85
N LEU A 152 16.12 -1.96 -31.20
CA LEU A 152 15.01 -1.93 -30.26
C LEU A 152 14.71 -3.36 -29.82
N VAL A 153 14.80 -3.60 -28.51
CA VAL A 153 14.60 -4.91 -27.90
C VAL A 153 13.25 -4.89 -27.20
N LYS A 154 12.21 -5.45 -27.82
CA LYS A 154 10.85 -5.12 -27.42
C LYS A 154 10.08 -6.35 -26.94
N ASP A 155 9.28 -6.15 -25.89
CA ASP A 155 8.27 -7.10 -25.40
C ASP A 155 8.90 -8.41 -24.92
N TYR A 156 9.64 -8.30 -23.81
CA TYR A 156 10.26 -9.46 -23.19
C TYR A 156 9.95 -9.48 -21.70
N PHE A 157 10.17 -10.65 -21.10
CA PHE A 157 9.97 -10.83 -19.67
C PHE A 157 10.65 -12.13 -19.27
N PRO A 158 11.31 -12.16 -18.12
CA PRO A 158 11.56 -11.04 -17.20
C PRO A 158 12.86 -10.37 -17.54
N GLU A 159 13.29 -9.37 -16.75
CA GLU A 159 14.68 -8.93 -16.79
C GLU A 159 15.60 -10.10 -16.47
N PRO A 160 16.87 -10.05 -16.90
CA PRO A 160 17.53 -9.02 -17.69
C PRO A 160 17.82 -9.42 -19.13
N VAL A 161 18.24 -8.42 -19.90
CA VAL A 161 18.81 -8.60 -21.23
C VAL A 161 20.19 -7.97 -21.22
N THR A 162 21.14 -8.59 -21.95
CA THR A 162 22.45 -8.03 -22.20
C THR A 162 22.56 -7.71 -23.68
N VAL A 163 23.22 -6.61 -24.00
CA VAL A 163 23.38 -6.17 -25.38
C VAL A 163 24.83 -5.78 -25.59
N SER A 164 25.46 -6.35 -26.61
CA SER A 164 26.76 -5.91 -27.05
C SER A 164 26.66 -5.54 -28.52
N TRP A 165 27.72 -4.90 -29.02
CA TRP A 165 27.80 -4.50 -30.41
C TRP A 165 29.05 -5.09 -31.03
N ASN A 166 28.90 -5.70 -32.20
CA ASN A 166 30.01 -6.35 -32.90
C ASN A 166 30.78 -7.29 -31.97
N SER A 167 30.02 -8.04 -31.16
CA SER A 167 30.57 -9.07 -30.27
C SER A 167 31.52 -8.48 -29.23
N GLY A 168 31.29 -7.23 -28.82
CA GLY A 168 32.13 -6.61 -27.83
C GLY A 168 33.30 -5.81 -28.39
N ALA A 169 33.56 -5.92 -29.69
CA ALA A 169 34.63 -5.13 -30.30
C ALA A 169 34.28 -3.66 -30.39
N LEU A 170 33.00 -3.29 -30.29
CA LEU A 170 32.55 -1.90 -30.37
C LEU A 170 31.97 -1.51 -29.01
N THR A 171 32.70 -0.66 -28.28
CA THR A 171 32.24 -0.21 -26.97
C THR A 171 32.11 1.31 -26.85
N SER A 172 32.95 2.09 -27.53
CA SER A 172 32.84 3.54 -27.44
C SER A 172 31.59 4.02 -28.15
N GLY A 173 30.84 4.90 -27.50
CA GLY A 173 29.62 5.44 -28.08
C GLY A 173 28.39 4.57 -27.92
N VAL A 174 28.49 3.43 -27.23
CA VAL A 174 27.34 2.56 -27.01
C VAL A 174 26.56 3.03 -25.79
N HIS A 175 25.23 3.11 -25.93
CA HIS A 175 24.36 3.45 -24.81
C HIS A 175 23.19 2.48 -24.80
N THR A 176 23.14 1.63 -23.78
CA THR A 176 22.02 0.72 -23.59
C THR A 176 21.21 1.22 -22.42
N PHE A 177 19.91 1.47 -22.66
CA PHE A 177 18.99 2.14 -21.75
C PHE A 177 18.33 1.17 -20.78
N PRO A 178 18.05 1.64 -19.57
CA PRO A 178 17.23 0.84 -18.66
C PRO A 178 15.91 0.49 -19.32
N ALA A 179 15.48 -0.75 -19.13
CA ALA A 179 14.21 -1.18 -19.68
C ALA A 179 13.06 -0.38 -19.09
N VAL A 180 12.00 -0.23 -19.87
CA VAL A 180 10.76 0.36 -19.37
C VAL A 180 9.73 -0.75 -19.26
N LEU A 181 8.93 -0.70 -18.20
CA LEU A 181 7.82 -1.62 -18.02
C LEU A 181 6.63 -1.08 -18.81
N GLN A 182 6.12 -1.92 -19.71
CA GLN A 182 4.97 -1.51 -20.54
C GLN A 182 3.68 -1.93 -19.83
N SER A 183 2.56 -1.34 -20.24
CA SER A 183 1.29 -1.63 -19.60
C SER A 183 0.91 -3.10 -19.73
N SER A 184 1.43 -3.81 -20.73
CA SER A 184 1.21 -5.24 -20.84
C SER A 184 1.92 -6.03 -19.75
N GLY A 185 2.86 -5.40 -19.04
CA GLY A 185 3.72 -6.11 -18.12
C GLY A 185 5.02 -6.60 -18.71
N LEU A 186 5.22 -6.40 -20.00
CA LEU A 186 6.46 -6.77 -20.65
C LEU A 186 7.41 -5.59 -20.65
N TYR A 187 8.69 -5.87 -20.87
CA TYR A 187 9.72 -4.84 -20.91
C TYR A 187 10.12 -4.53 -22.34
N SER A 188 10.60 -3.31 -22.56
CA SER A 188 11.32 -2.97 -23.78
C SER A 188 12.49 -2.08 -23.42
N LEU A 189 13.55 -2.19 -24.21
CA LEU A 189 14.68 -1.27 -24.13
C LEU A 189 15.22 -1.01 -25.53
N SER A 190 16.06 0.00 -25.63
CA SER A 190 16.84 0.22 -26.83
C SER A 190 18.30 0.28 -26.46
N SER A 191 19.14 -0.05 -27.42
CA SER A 191 20.58 0.14 -27.32
C SER A 191 20.99 0.88 -28.58
N VAL A 192 21.75 1.96 -28.42
CA VAL A 192 22.12 2.81 -29.56
C VAL A 192 23.62 3.03 -29.55
N VAL A 193 24.15 3.41 -30.70
CA VAL A 193 25.56 3.77 -30.79
C VAL A 193 25.70 4.98 -31.69
N THR A 194 26.62 5.87 -31.35
CA THR A 194 26.93 7.02 -32.19
C THR A 194 28.21 6.71 -32.96
N VAL A 195 28.18 6.94 -34.27
CA VAL A 195 29.28 6.58 -35.14
C VAL A 195 29.49 7.69 -36.15
N PRO A 196 30.69 7.80 -36.73
CA PRO A 196 30.89 8.77 -37.81
C PRO A 196 29.97 8.45 -38.97
N SER A 197 29.25 9.47 -39.47
CA SER A 197 28.47 9.27 -40.69
C SER A 197 29.34 8.77 -41.84
N SER A 198 30.64 9.08 -41.80
CA SER A 198 31.60 8.53 -42.75
C SER A 198 31.48 7.02 -42.86
N SER A 199 31.36 6.34 -41.72
CA SER A 199 31.50 4.90 -41.60
C SER A 199 30.23 4.12 -41.95
N LEU A 200 29.14 4.79 -42.30
CA LEU A 200 27.87 4.09 -42.44
C LEU A 200 27.88 3.11 -43.62
N GLY A 201 28.63 3.41 -44.68
CA GLY A 201 28.69 2.51 -45.81
C GLY A 201 29.80 1.48 -45.72
N THR A 202 30.84 1.79 -44.95
CA THR A 202 32.04 0.96 -44.89
C THR A 202 31.99 -0.08 -43.79
N GLN A 203 31.58 0.31 -42.59
CA GLN A 203 31.61 -0.57 -41.42
C GLN A 203 30.26 -1.24 -41.21
N THR A 204 30.29 -2.52 -40.88
CA THR A 204 29.07 -3.23 -40.54
C THR A 204 28.80 -3.12 -39.04
N TYR A 205 27.53 -3.01 -38.68
CA TYR A 205 27.12 -2.82 -37.29
C TYR A 205 26.09 -3.87 -36.93
N ILE A 206 26.42 -4.71 -35.96
CA ILE A 206 25.55 -5.79 -35.50
C ILE A 206 25.38 -5.67 -33.99
N CYS A 207 24.14 -5.70 -33.54
CA CYS A 207 23.84 -5.75 -32.11
C CYS A 207 23.58 -7.19 -31.70
N ASN A 208 24.18 -7.61 -30.59
CA ASN A 208 24.08 -8.97 -30.07
C ASN A 208 23.23 -8.90 -28.81
N VAL A 209 22.06 -9.52 -28.85
CA VAL A 209 21.09 -9.44 -27.76
C VAL A 209 20.97 -10.82 -27.13
N ASN A 210 21.07 -10.89 -25.81
CA ASN A 210 20.98 -12.14 -25.08
C ASN A 210 19.93 -11.99 -24.00
N HIS A 211 18.90 -12.85 -24.05
CA HIS A 211 17.87 -12.91 -23.02
C HIS A 211 17.86 -14.33 -22.49
N LYS A 212 18.62 -14.56 -21.42
CA LYS A 212 18.80 -15.92 -20.88
C LYS A 212 17.49 -16.56 -20.41
N PRO A 213 16.57 -15.86 -19.74
CA PRO A 213 15.35 -16.55 -19.26
C PRO A 213 14.55 -17.25 -20.35
N SER A 214 14.63 -16.79 -21.61
CA SER A 214 13.91 -17.39 -22.73
C SER A 214 14.81 -18.12 -23.70
N ASN A 215 16.11 -18.27 -23.39
CA ASN A 215 17.09 -18.83 -24.30
C ASN A 215 17.05 -18.15 -25.66
N THR A 216 17.08 -16.82 -25.64
CA THR A 216 17.11 -16.01 -26.86
C THR A 216 18.49 -15.37 -27.01
N LYS A 217 19.14 -15.66 -28.14
CA LYS A 217 20.35 -14.95 -28.55
C LYS A 217 20.15 -14.53 -29.99
N VAL A 218 20.16 -13.22 -30.24
CA VAL A 218 19.91 -12.66 -31.56
C VAL A 218 21.08 -11.76 -31.92
N ASP A 219 21.54 -11.87 -33.16
CA ASP A 219 22.38 -10.86 -33.79
C ASP A 219 21.56 -10.18 -34.86
N LYS A 220 21.59 -8.86 -34.88
CA LYS A 220 20.82 -8.09 -35.86
C LYS A 220 21.76 -7.13 -36.55
N LYS A 221 21.83 -7.23 -37.86
CA LYS A 221 22.61 -6.33 -38.68
C LYS A 221 21.81 -5.05 -38.94
N VAL A 222 22.38 -3.91 -38.56
CA VAL A 222 21.71 -2.62 -38.66
C VAL A 222 22.33 -1.86 -39.83
N GLU A 223 21.55 -1.64 -40.88
CA GLU A 223 22.03 -1.03 -42.11
C GLU A 223 21.34 0.32 -42.36
N PRO A 224 22.03 1.26 -43.01
CA PRO A 224 21.49 2.58 -43.33
C PRO A 224 20.20 2.52 -44.16
N SER B 1 5.27 6.18 15.26
CA SER B 1 6.64 6.58 15.54
C SER B 1 6.84 8.06 15.29
N PHE B 2 7.90 8.61 15.86
CA PHE B 2 8.20 10.00 15.59
C PHE B 2 8.75 10.11 14.18
N GLU B 3 8.52 11.26 13.55
CA GLU B 3 8.95 11.48 12.18
C GLU B 3 10.36 12.04 12.14
N LEU B 4 11.08 11.69 11.08
CA LEU B 4 12.35 12.32 10.73
C LEU B 4 12.16 13.09 9.42
N THR B 5 12.49 14.39 9.42
CA THR B 5 12.28 15.25 8.26
C THR B 5 13.62 15.63 7.66
N GLN B 6 13.84 15.24 6.41
CA GLN B 6 15.01 15.65 5.64
C GLN B 6 14.52 16.09 4.26
N PRO B 7 15.25 16.99 3.61
CA PRO B 7 14.76 17.51 2.35
C PRO B 7 14.85 16.46 1.25
N PRO B 8 13.94 16.50 0.28
CA PRO B 8 13.99 15.49 -0.79
C PRO B 8 15.19 15.66 -1.69
N SER B 9 15.73 16.87 -1.82
CA SER B 9 16.87 17.03 -2.71
C SER B 9 17.75 18.17 -2.25
N VAL B 10 19.05 18.01 -2.49
CA VAL B 10 20.07 19.02 -2.23
C VAL B 10 20.99 19.05 -3.44
N SER B 11 21.27 20.23 -3.96
CA SER B 11 22.23 20.40 -5.03
C SER B 11 23.47 21.09 -4.48
N VAL B 12 24.65 20.61 -4.89
CA VAL B 12 25.90 21.24 -4.46
C VAL B 12 26.81 21.32 -5.68
N SER B 13 27.47 22.46 -5.86
CA SER B 13 28.44 22.57 -6.94
C SER B 13 29.71 21.80 -6.55
N PRO B 14 30.39 21.21 -7.53
CA PRO B 14 31.62 20.48 -7.23
C PRO B 14 32.60 21.35 -6.42
N GLY B 15 33.11 20.79 -5.32
CA GLY B 15 34.03 21.47 -4.43
C GLY B 15 33.41 22.36 -3.37
N GLN B 16 32.09 22.52 -3.36
CA GLN B 16 31.42 23.36 -2.38
C GLN B 16 30.85 22.47 -1.28
N THR B 17 30.28 23.11 -0.26
CA THR B 17 29.80 22.40 0.92
C THR B 17 28.31 22.09 0.79
N ALA B 18 27.95 20.81 0.97
CA ALA B 18 26.56 20.40 1.03
C ALA B 18 26.17 20.22 2.50
N ARG B 19 24.96 20.64 2.83
CA ARG B 19 24.41 20.44 4.17
C ARG B 19 23.06 19.75 4.02
N ILE B 20 22.91 18.59 4.65
CA ILE B 20 21.67 17.84 4.64
C ILE B 20 21.16 17.76 6.07
N THR B 21 19.97 18.31 6.32
CA THR B 21 19.44 18.33 7.67
C THR B 21 18.46 17.18 7.88
N CYS B 22 18.32 16.81 9.12
CA CYS B 22 17.39 15.78 9.56
C CYS B 22 16.86 16.23 10.89
N SER B 23 15.54 16.46 10.97
CA SER B 23 14.91 17.00 12.17
C SER B 23 13.87 16.02 12.69
N GLY B 24 13.74 15.97 14.00
CA GLY B 24 12.67 15.20 14.63
C GLY B 24 12.60 15.55 16.11
N ASP B 25 11.39 15.61 16.67
CA ASP B 25 11.27 16.06 18.06
C ASP B 25 11.93 15.09 19.03
N ALA B 26 12.17 13.84 18.61
CA ALA B 26 12.81 12.82 19.43
C ALA B 26 14.34 12.84 19.34
N LEU B 27 14.93 13.59 18.42
CA LEU B 27 16.38 13.53 18.27
C LEU B 27 17.16 13.98 19.50
N PRO B 28 16.71 14.94 20.34
CA PRO B 28 17.50 15.25 21.54
C PRO B 28 17.75 14.05 22.44
N LYS B 29 16.92 13.00 22.36
CA LYS B 29 17.10 11.82 23.21
C LYS B 29 17.64 10.61 22.47
N GLN B 30 17.67 10.61 21.14
CA GLN B 30 18.04 9.43 20.36
C GLN B 30 19.19 9.71 19.42
N TYR B 31 19.99 8.68 19.13
CA TYR B 31 21.07 8.83 18.15
C TYR B 31 20.51 8.87 16.74
N VAL B 32 21.28 9.52 15.85
CA VAL B 32 20.97 9.56 14.41
C VAL B 32 22.04 8.77 13.67
N TYR B 33 21.62 8.07 12.62
CA TYR B 33 22.51 7.33 11.75
C TYR B 33 22.29 7.83 10.32
N TRP B 34 23.37 7.96 9.56
CA TRP B 34 23.28 8.34 8.17
C TRP B 34 23.81 7.23 7.28
N TYR B 35 23.07 6.94 6.21
CA TYR B 35 23.44 5.99 5.19
C TYR B 35 23.59 6.69 3.85
N GLN B 36 24.62 6.30 3.11
CA GLN B 36 24.84 6.76 1.75
C GLN B 36 24.45 5.62 0.81
N GLN B 37 23.66 5.93 -0.23
CA GLN B 37 23.35 4.89 -1.23
C GLN B 37 23.64 5.45 -2.61
N LYS B 38 24.71 4.97 -3.23
CA LYS B 38 25.04 5.34 -4.59
C LYS B 38 24.22 4.49 -5.56
N PRO B 39 24.04 4.98 -6.79
CA PRO B 39 23.21 4.25 -7.75
C PRO B 39 23.70 2.83 -7.95
N GLY B 40 22.77 1.88 -7.82
CA GLY B 40 23.06 0.48 -8.03
C GLY B 40 23.78 -0.23 -6.91
N GLN B 41 23.90 0.39 -5.74
CA GLN B 41 24.62 -0.19 -4.61
C GLN B 41 23.71 -0.30 -3.40
N ALA B 42 24.13 -1.13 -2.44
CA ALA B 42 23.47 -1.19 -1.14
C ALA B 42 23.80 0.05 -0.32
N PRO B 43 22.94 0.42 0.64
CA PRO B 43 23.29 1.53 1.57
C PRO B 43 24.53 1.20 2.37
N VAL B 44 25.27 2.25 2.75
CA VAL B 44 26.48 2.13 3.56
C VAL B 44 26.34 3.10 4.73
N LEU B 45 26.67 2.64 5.93
CA LEU B 45 26.62 3.50 7.11
C LEU B 45 27.80 4.47 7.10
N VAL B 46 27.51 5.78 7.08
CA VAL B 46 28.58 6.79 7.01
C VAL B 46 28.72 7.62 8.29
N ILE B 47 27.68 7.71 9.12
CA ILE B 47 27.76 8.34 10.42
C ILE B 47 26.92 7.50 11.36
N TYR B 48 27.43 7.20 12.55
CA TYR B 48 26.62 6.47 13.53
C TYR B 48 26.71 7.14 14.89
N LYS B 49 25.70 6.91 15.71
CA LYS B 49 25.66 7.51 17.06
C LYS B 49 25.80 9.03 16.94
N THR B 50 25.20 9.60 15.90
CA THR B 50 25.16 11.07 15.66
C THR B 50 26.52 11.67 15.32
N THR B 51 27.61 11.28 15.97
CA THR B 51 28.88 12.00 15.74
C THR B 51 30.04 11.11 15.28
N GLU B 52 29.83 9.80 15.11
CA GLU B 52 30.96 8.94 14.82
C GLU B 52 31.04 8.61 13.34
N ARG B 53 32.26 8.62 12.80
CA ARG B 53 32.51 8.31 11.40
C ARG B 53 33.21 6.96 11.35
N PRO B 54 32.69 5.94 10.66
CA PRO B 54 33.42 4.67 10.57
C PRO B 54 34.74 4.88 9.86
N SER B 55 35.70 4.04 10.18
CA SER B 55 36.95 4.02 9.45
C SER B 55 36.66 3.80 7.97
N GLY B 56 37.37 4.50 7.10
CA GLY B 56 37.15 4.38 5.68
C GLY B 56 36.21 5.38 5.08
N ILE B 57 35.48 6.15 5.89
CA ILE B 57 34.62 7.20 5.34
C ILE B 57 35.44 8.47 5.28
N PRO B 58 35.40 9.21 4.17
CA PRO B 58 36.24 10.43 4.05
C PRO B 58 36.01 11.42 5.17
N GLU B 59 37.09 12.08 5.60
CA GLU B 59 36.96 13.12 6.63
C GLU B 59 36.11 14.30 6.18
N ARG B 60 35.79 14.43 4.88
CA ARG B 60 34.86 15.45 4.38
C ARG B 60 33.48 15.34 5.01
N PHE B 61 33.10 14.16 5.51
CA PHE B 61 31.78 13.92 6.07
C PHE B 61 31.81 14.20 7.56
N SER B 62 30.92 15.09 8.02
CA SER B 62 30.79 15.32 9.46
C SER B 62 29.34 15.62 9.78
N ASP B 63 29.01 15.48 11.07
CA ASP B 63 27.62 15.61 11.53
C ASP B 63 27.60 16.48 12.78
N SER B 64 26.72 17.47 12.80
CA SER B 64 26.57 18.31 13.97
C SER B 64 25.11 18.36 14.37
N SER B 65 24.85 18.78 15.61
CA SER B 65 23.51 18.88 16.18
C SER B 65 23.23 20.30 16.63
N SER B 66 21.95 20.65 16.67
CA SER B 66 21.51 21.99 17.01
C SER B 66 20.01 21.90 17.26
N GLY B 67 19.62 21.72 18.52
CA GLY B 67 18.23 21.61 18.87
C GLY B 67 17.66 20.25 18.55
N THR B 68 16.65 20.21 17.69
CA THR B 68 16.09 18.95 17.22
C THR B 68 16.55 18.61 15.81
N THR B 69 17.63 19.24 15.37
CA THR B 69 18.09 19.12 13.99
C THR B 69 19.52 18.61 13.99
N VAL B 70 19.80 17.67 13.12
CA VAL B 70 21.14 17.18 12.90
C VAL B 70 21.51 17.52 11.45
N THR B 71 22.75 17.95 11.23
CA THR B 71 23.16 18.36 9.89
C THR B 71 24.35 17.51 9.47
N LEU B 72 24.17 16.77 8.37
CA LEU B 72 25.28 16.07 7.74
C LEU B 72 25.93 17.06 6.77
N THR B 73 27.20 17.34 6.98
CA THR B 73 27.91 18.30 6.15
C THR B 73 28.91 17.55 5.29
N ILE B 74 28.87 17.78 3.98
CA ILE B 74 29.82 17.20 3.04
C ILE B 74 30.65 18.36 2.53
N SER B 75 31.84 18.52 3.09
CA SER B 75 32.76 19.58 2.67
C SER B 75 33.42 19.20 1.34
N ALA B 76 33.76 20.23 0.56
CA ALA B 76 34.49 20.06 -0.71
C ALA B 76 33.94 18.87 -1.51
N ALA B 77 32.68 18.97 -1.89
CA ALA B 77 31.94 17.84 -2.44
C ALA B 77 32.59 17.33 -3.72
N GLN B 78 32.68 16.01 -3.81
CA GLN B 78 33.30 15.35 -4.98
C GLN B 78 32.20 14.66 -5.80
N ALA B 79 32.45 14.50 -7.10
CA ALA B 79 31.45 13.86 -7.95
C ALA B 79 31.01 12.51 -7.39
N GLU B 80 31.92 11.78 -6.75
CA GLU B 80 31.57 10.49 -6.20
C GLU B 80 30.66 10.58 -4.98
N ASP B 81 30.43 11.78 -4.44
CA ASP B 81 29.54 11.97 -3.31
C ASP B 81 28.08 12.04 -3.74
N GLU B 82 27.81 12.15 -5.05
CA GLU B 82 26.43 12.14 -5.54
C GLU B 82 25.78 10.80 -5.18
N ALA B 83 24.66 10.86 -4.48
CA ALA B 83 24.04 9.69 -3.88
C ALA B 83 22.79 10.12 -3.15
N ASP B 84 22.01 9.13 -2.70
CA ASP B 84 20.92 9.38 -1.78
C ASP B 84 21.44 9.16 -0.37
N TYR B 85 21.05 10.06 0.53
CA TYR B 85 21.48 10.02 1.93
C TYR B 85 20.25 9.87 2.79
N TYR B 86 20.19 8.80 3.60
CA TYR B 86 19.06 8.53 4.47
C TYR B 86 19.45 8.78 5.92
N CYS B 87 18.68 9.60 6.64
CA CYS B 87 18.90 9.58 8.08
C CYS B 87 17.97 8.56 8.73
N GLN B 88 18.34 8.14 9.94
CA GLN B 88 17.66 7.03 10.58
C GLN B 88 17.81 7.18 12.08
N SER B 89 16.76 6.80 12.82
CA SER B 89 16.84 6.76 14.27
C SER B 89 15.94 5.63 14.76
N VAL B 90 15.82 5.52 16.08
CA VAL B 90 15.06 4.43 16.70
C VAL B 90 14.48 4.99 17.99
N ASP B 91 13.37 4.42 18.44
CA ASP B 91 12.90 4.82 19.75
C ASP B 91 13.37 3.78 20.76
N SER B 92 13.06 4.02 22.03
CA SER B 92 13.58 3.14 23.06
C SER B 92 12.93 1.75 23.03
N SER B 93 11.79 1.59 22.35
CA SER B 93 11.16 0.29 22.19
C SER B 93 11.67 -0.50 20.99
N GLY B 94 12.52 0.08 20.15
CA GLY B 94 13.07 -0.65 19.01
C GLY B 94 12.41 -0.38 17.67
N THR B 95 11.50 0.57 17.58
CA THR B 95 10.97 0.93 16.26
C THR B 95 12.02 1.76 15.54
N TYR B 96 12.32 1.37 14.31
CA TYR B 96 13.29 2.05 13.45
C TYR B 96 12.53 2.99 12.52
N VAL B 97 13.09 4.19 12.30
CA VAL B 97 12.49 5.18 11.42
C VAL B 97 13.55 5.72 10.47
N PHE B 98 13.21 5.76 9.18
CA PHE B 98 14.05 6.36 8.15
C PHE B 98 13.40 7.65 7.67
N GLY B 99 14.22 8.66 7.37
CA GLY B 99 13.72 9.81 6.63
C GLY B 99 13.44 9.42 5.20
N ILE B 100 12.87 10.35 4.43
CA ILE B 100 12.54 10.05 3.04
C ILE B 100 13.77 9.84 2.15
N GLY B 101 14.95 10.25 2.60
CA GLY B 101 16.13 10.19 1.75
C GLY B 101 16.31 11.50 0.99
N THR B 102 17.52 12.04 1.01
CA THR B 102 17.85 13.26 0.27
C THR B 102 18.70 12.89 -0.92
N LYS B 103 18.21 13.19 -2.13
CA LYS B 103 19.04 13.02 -3.32
C LYS B 103 20.02 14.19 -3.39
N VAL B 104 21.29 13.89 -3.18
CA VAL B 104 22.33 14.92 -3.28
C VAL B 104 22.94 14.83 -4.67
N THR B 105 22.66 15.86 -5.47
CA THR B 105 23.25 16.00 -6.80
C THR B 105 24.48 16.90 -6.68
N VAL B 106 25.60 16.41 -7.18
CA VAL B 106 26.80 17.24 -7.32
C VAL B 106 26.69 17.83 -8.72
N LEU B 107 26.16 19.05 -8.79
CA LEU B 107 25.66 19.64 -10.03
C LEU B 107 26.80 20.35 -10.73
N GLY B 108 27.35 19.72 -11.75
CA GLY B 108 28.46 20.32 -12.49
C GLY B 108 28.07 21.66 -13.08
N ARG B 109 29.09 22.47 -13.37
CA ARG B 109 28.86 23.80 -13.96
C ARG B 109 28.68 23.73 -15.45
N THR B 110 29.18 22.68 -16.09
CA THR B 110 29.08 22.56 -17.53
C THR B 110 27.67 22.22 -17.95
N VAL B 111 27.15 22.97 -18.92
CA VAL B 111 25.85 22.70 -19.52
C VAL B 111 26.11 22.17 -20.92
N ALA B 112 25.77 20.89 -21.15
CA ALA B 112 25.95 20.25 -22.44
C ALA B 112 24.60 20.03 -23.09
N ALA B 113 24.38 20.64 -24.26
CA ALA B 113 23.13 20.45 -24.97
C ALA B 113 23.08 19.07 -25.61
N PRO B 114 21.89 18.48 -25.72
CA PRO B 114 21.79 17.16 -26.35
C PRO B 114 21.94 17.22 -27.85
N SER B 115 22.58 16.18 -28.39
CA SER B 115 22.43 15.79 -29.79
C SER B 115 21.10 15.05 -29.93
N VAL B 116 20.36 15.30 -31.00
CA VAL B 116 19.03 14.74 -31.17
C VAL B 116 18.99 13.92 -32.45
N PHE B 117 18.45 12.70 -32.37
CA PHE B 117 18.31 11.79 -33.48
C PHE B 117 16.90 11.20 -33.46
N ILE B 118 16.35 10.90 -34.63
CA ILE B 118 15.02 10.31 -34.70
C ILE B 118 15.05 9.10 -35.62
N PHE B 119 14.35 8.04 -35.23
CA PHE B 119 14.36 6.77 -35.96
C PHE B 119 12.95 6.38 -36.38
N PRO B 120 12.68 6.25 -37.68
CA PRO B 120 11.38 5.70 -38.12
C PRO B 120 11.25 4.24 -37.73
N PRO B 121 10.04 3.70 -37.72
CA PRO B 121 9.89 2.26 -37.44
C PRO B 121 10.55 1.44 -38.54
N SER B 122 11.01 0.25 -38.17
CA SER B 122 11.56 -0.66 -39.16
C SER B 122 10.43 -1.31 -39.95
N ASP B 123 10.71 -1.63 -41.22
CA ASP B 123 9.71 -2.33 -42.03
C ASP B 123 9.37 -3.68 -41.41
N GLU B 124 10.31 -4.26 -40.67
CA GLU B 124 10.12 -5.54 -40.00
C GLU B 124 9.09 -5.44 -38.89
N GLN B 125 9.18 -4.39 -38.06
CA GLN B 125 8.17 -4.20 -37.04
C GLN B 125 6.84 -3.86 -37.65
N LEU B 126 6.85 -3.09 -38.75
CA LEU B 126 5.60 -2.70 -39.38
C LEU B 126 4.82 -3.93 -39.84
N LYS B 127 5.52 -4.96 -40.32
CA LYS B 127 4.87 -6.19 -40.73
C LYS B 127 4.15 -6.87 -39.57
N SER B 128 4.58 -6.62 -38.34
CA SER B 128 3.98 -7.23 -37.16
C SER B 128 2.78 -6.44 -36.62
N GLY B 129 2.45 -5.30 -37.22
CA GLY B 129 1.27 -4.57 -36.85
C GLY B 129 1.48 -3.42 -35.88
N THR B 130 2.73 -3.03 -35.62
CA THR B 130 3.02 -2.00 -34.63
C THR B 130 4.12 -1.10 -35.20
N ALA B 131 4.09 0.17 -34.80
CA ALA B 131 5.10 1.15 -35.18
C ALA B 131 5.65 1.81 -33.94
N SER B 132 6.94 1.61 -33.68
CA SER B 132 7.66 2.30 -32.61
C SER B 132 8.55 3.34 -33.26
N VAL B 133 8.36 4.60 -32.89
CA VAL B 133 9.19 5.70 -33.39
C VAL B 133 10.04 6.17 -32.21
N VAL B 134 11.34 6.30 -32.43
CA VAL B 134 12.30 6.49 -31.33
C VAL B 134 13.02 7.81 -31.53
N CYS B 135 13.03 8.61 -30.47
CA CYS B 135 13.78 9.86 -30.40
C CYS B 135 14.91 9.69 -29.39
N LEU B 136 16.14 10.00 -29.79
CA LEU B 136 17.31 9.83 -28.94
C LEU B 136 17.94 11.19 -28.65
N LEU B 137 18.18 11.46 -27.37
CA LEU B 137 18.96 12.60 -26.90
C LEU B 137 20.29 12.07 -26.37
N ASN B 138 21.40 12.63 -26.81
CA ASN B 138 22.70 12.08 -26.44
C ASN B 138 23.60 13.17 -25.86
N ASN B 139 24.38 12.81 -24.83
CA ASN B 139 25.51 13.60 -24.33
C ASN B 139 25.04 14.94 -23.78
N PHE B 140 24.04 14.91 -22.89
CA PHE B 140 23.54 16.16 -22.34
C PHE B 140 23.70 16.20 -20.82
N TYR B 141 23.74 17.43 -20.29
CA TYR B 141 23.90 17.67 -18.87
C TYR B 141 23.44 19.10 -18.61
N PRO B 142 22.64 19.36 -17.57
CA PRO B 142 22.13 18.43 -16.55
C PRO B 142 21.02 17.53 -17.07
N ARG B 143 20.47 16.72 -16.17
CA ARG B 143 19.60 15.62 -16.55
C ARG B 143 18.21 16.09 -16.97
N GLU B 144 17.79 17.25 -16.51
CA GLU B 144 16.46 17.77 -16.80
C GLU B 144 16.29 18.02 -18.30
N ALA B 145 15.33 17.34 -18.91
CA ALA B 145 15.08 17.51 -20.34
C ALA B 145 13.62 17.20 -20.63
N LYS B 146 13.02 17.97 -21.55
CA LYS B 146 11.64 17.77 -21.96
C LYS B 146 11.60 17.33 -23.41
N VAL B 147 10.91 16.23 -23.69
CA VAL B 147 10.77 15.71 -25.03
C VAL B 147 9.27 15.58 -25.32
N GLN B 148 8.82 16.25 -26.38
CA GLN B 148 7.42 16.21 -26.78
C GLN B 148 7.30 15.63 -28.17
N TRP B 149 6.35 14.73 -28.35
CA TRP B 149 6.06 14.14 -29.65
C TRP B 149 4.98 14.93 -30.36
N LYS B 150 5.21 15.23 -31.63
CA LYS B 150 4.21 15.87 -32.47
C LYS B 150 4.03 15.02 -33.73
N VAL B 151 2.79 14.60 -33.98
CA VAL B 151 2.44 13.82 -35.15
C VAL B 151 1.50 14.67 -35.98
N ASP B 152 1.90 15.00 -37.20
CA ASP B 152 1.14 15.92 -38.04
C ASP B 152 0.85 17.21 -37.27
N ASN B 153 1.89 17.71 -36.61
CA ASN B 153 1.90 18.97 -35.86
C ASN B 153 0.96 18.97 -34.66
N ALA B 154 0.49 17.81 -34.23
CA ALA B 154 -0.37 17.68 -33.07
C ALA B 154 0.41 17.08 -31.90
N LEU B 155 0.42 17.80 -30.77
CA LEU B 155 1.08 17.31 -29.58
C LEU B 155 0.44 16.02 -29.09
N GLN B 156 1.28 15.04 -28.79
CA GLN B 156 0.81 13.75 -28.29
C GLN B 156 0.87 13.69 -26.77
N SER B 157 0.07 12.78 -26.22
CA SER B 157 0.02 12.55 -24.79
C SER B 157 -0.49 11.13 -24.56
N GLY B 158 0.18 10.41 -23.66
CA GLY B 158 -0.29 9.10 -23.24
C GLY B 158 0.23 7.92 -24.01
N ASN B 159 0.91 8.14 -25.13
CA ASN B 159 1.36 7.07 -26.01
C ASN B 159 2.88 6.99 -26.15
N SER B 160 3.64 7.60 -25.23
CA SER B 160 5.09 7.52 -25.28
C SER B 160 5.66 7.16 -23.92
N GLN B 161 6.86 6.57 -23.96
CA GLN B 161 7.59 6.20 -22.73
C GLN B 161 9.05 6.68 -22.86
N GLU B 162 9.60 7.24 -21.80
CA GLU B 162 10.95 7.77 -21.78
C GLU B 162 11.85 6.91 -20.90
N SER B 163 13.13 6.90 -21.24
CA SER B 163 14.14 6.24 -20.44
C SER B 163 15.43 7.05 -20.49
N VAL B 164 16.06 7.23 -19.34
CA VAL B 164 17.30 7.98 -19.25
C VAL B 164 18.37 7.07 -18.64
N THR B 165 19.58 7.15 -19.16
CA THR B 165 20.65 6.40 -18.54
C THR B 165 20.95 6.96 -17.15
N GLU B 166 21.68 6.18 -16.36
CA GLU B 166 22.49 6.84 -15.36
C GLU B 166 23.60 7.63 -16.07
N GLN B 167 24.28 8.50 -15.34
CA GLN B 167 25.32 9.36 -15.96
C GLN B 167 26.37 8.48 -16.67
N ASP B 168 26.64 8.70 -17.96
CA ASP B 168 27.64 7.94 -18.69
C ASP B 168 28.92 7.94 -17.88
N SER B 169 29.59 6.79 -17.87
CA SER B 169 30.74 6.66 -17.00
C SER B 169 31.89 7.56 -17.47
N LYS B 170 32.12 7.62 -18.78
CA LYS B 170 33.28 8.38 -19.25
C LYS B 170 32.99 9.89 -19.31
N ASP B 171 31.92 10.27 -20.03
CA ASP B 171 31.61 11.69 -20.24
C ASP B 171 30.86 12.32 -19.07
N SER B 172 30.32 11.52 -18.16
CA SER B 172 29.53 12.03 -17.05
C SER B 172 28.34 12.85 -17.55
N THR B 173 27.76 12.45 -18.67
CA THR B 173 26.55 13.05 -19.23
C THR B 173 25.44 12.00 -19.27
N TYR B 174 24.27 12.42 -19.72
CA TYR B 174 23.12 11.55 -19.85
C TYR B 174 22.75 11.36 -21.31
N SER B 175 22.08 10.25 -21.57
CA SER B 175 21.33 10.03 -22.80
C SER B 175 19.90 9.69 -22.44
N LEU B 176 18.99 9.92 -23.38
CA LEU B 176 17.56 9.71 -23.15
C LEU B 176 16.94 9.17 -24.42
N SER B 177 16.11 8.14 -24.27
CA SER B 177 15.29 7.66 -25.38
C SER B 177 13.83 7.93 -25.05
N SER B 178 13.09 8.37 -26.06
CA SER B 178 11.63 8.47 -25.99
C SER B 178 11.06 7.63 -27.11
N THR B 179 10.11 6.76 -26.79
CA THR B 179 9.53 5.86 -27.78
C THR B 179 8.05 6.14 -27.88
N LEU B 180 7.59 6.43 -29.09
CA LEU B 180 6.18 6.58 -29.41
C LEU B 180 5.72 5.29 -30.08
N THR B 181 4.69 4.67 -29.51
CA THR B 181 4.19 3.40 -30.03
C THR B 181 2.79 3.61 -30.60
N LEU B 182 2.64 3.27 -31.87
CA LEU B 182 1.33 3.31 -32.52
C LEU B 182 1.09 1.98 -33.22
N SER B 183 -0.18 1.73 -33.54
CA SER B 183 -0.51 0.67 -34.47
C SER B 183 -0.02 1.06 -35.86
N LYS B 184 0.27 0.05 -36.68
CA LYS B 184 0.57 0.30 -38.09
C LYS B 184 -0.54 1.11 -38.75
N ALA B 185 -1.79 0.82 -38.39
CA ALA B 185 -2.92 1.53 -39.00
C ALA B 185 -2.87 3.02 -38.68
N ASP B 186 -2.64 3.36 -37.40
CA ASP B 186 -2.54 4.77 -37.04
C ASP B 186 -1.27 5.41 -37.61
N TYR B 187 -0.16 4.68 -37.60
CA TYR B 187 1.07 5.20 -38.18
C TYR B 187 0.87 5.62 -39.62
N GLU B 188 0.19 4.79 -40.42
CA GLU B 188 0.00 5.10 -41.83
C GLU B 188 -1.00 6.24 -42.08
N LYS B 189 -1.72 6.69 -41.06
CA LYS B 189 -2.68 7.77 -41.22
C LYS B 189 -2.05 9.15 -41.13
N HIS B 190 -0.74 9.17 -40.89
CA HIS B 190 -0.07 10.47 -40.66
C HIS B 190 1.21 10.58 -41.49
N LYS B 191 1.69 11.79 -41.64
CA LYS B 191 2.85 12.02 -42.49
C LYS B 191 4.08 12.47 -41.72
N VAL B 192 3.97 13.47 -40.86
CA VAL B 192 5.13 14.11 -40.24
C VAL B 192 5.26 13.60 -38.82
N TYR B 193 6.45 13.07 -38.49
CA TYR B 193 6.74 12.58 -37.15
C TYR B 193 7.89 13.40 -36.60
N ALA B 194 7.70 14.01 -35.42
CA ALA B 194 8.67 14.95 -34.90
C ALA B 194 8.78 14.81 -33.39
N CYS B 195 9.99 14.97 -32.85
CA CYS B 195 10.15 15.13 -31.41
C CYS B 195 10.81 16.47 -31.16
N GLU B 196 10.25 17.22 -30.23
CA GLU B 196 10.73 18.56 -29.92
C GLU B 196 11.37 18.52 -28.54
N VAL B 197 12.57 19.09 -28.42
CA VAL B 197 13.41 18.89 -27.25
C VAL B 197 13.69 20.24 -26.62
N THR B 198 13.49 20.34 -25.31
CA THR B 198 13.89 21.51 -24.54
C THR B 198 14.89 21.10 -23.46
N HIS B 199 15.94 21.89 -23.36
CA HIS B 199 17.03 21.61 -22.39
C HIS B 199 17.74 22.93 -22.12
N GLN B 200 18.32 23.04 -20.94
CA GLN B 200 19.01 24.29 -20.55
C GLN B 200 20.09 24.68 -21.55
N GLY B 201 20.70 23.71 -22.21
CA GLY B 201 21.75 24.02 -23.16
C GLY B 201 21.25 24.50 -24.50
N LEU B 202 19.94 24.50 -24.73
CA LEU B 202 19.35 24.92 -26.00
C LEU B 202 18.70 26.28 -25.81
N SER B 203 19.10 27.24 -26.63
CA SER B 203 18.50 28.57 -26.56
C SER B 203 17.00 28.50 -26.73
N SER B 204 16.54 27.74 -27.72
CA SER B 204 15.14 27.56 -28.03
C SER B 204 14.92 26.09 -28.35
N PRO B 205 13.69 25.58 -28.18
CA PRO B 205 13.44 24.16 -28.43
C PRO B 205 13.81 23.77 -29.86
N VAL B 206 14.37 22.57 -30.01
CA VAL B 206 14.79 22.07 -31.31
C VAL B 206 13.90 20.89 -31.66
N THR B 207 13.67 20.70 -32.96
CA THR B 207 12.79 19.65 -33.46
C THR B 207 13.54 18.81 -34.48
N LYS B 208 13.54 17.49 -34.29
CA LYS B 208 13.93 16.54 -35.31
C LYS B 208 12.68 15.86 -35.86
N SER B 209 12.62 15.69 -37.17
CA SER B 209 11.42 15.11 -37.76
C SER B 209 11.78 14.29 -39.00
N PHE B 210 10.84 13.45 -39.40
CA PHE B 210 10.87 12.78 -40.70
C PHE B 210 9.45 12.71 -41.26
N ASN B 211 9.37 12.53 -42.58
CA ASN B 211 8.10 12.31 -43.26
C ASN B 211 7.99 10.83 -43.61
N ARG B 212 6.88 10.21 -43.23
CA ARG B 212 6.65 8.81 -43.57
C ARG B 212 6.64 8.64 -45.09
N GLY B 213 7.45 7.71 -45.58
CA GLY B 213 7.71 7.58 -47.00
C GLY B 213 8.71 8.63 -47.48
N GLN C 1 -21.02 12.35 29.36
CA GLN C 1 -20.61 13.77 29.47
C GLN C 1 -19.39 14.05 28.59
N VAL C 2 -18.64 13.02 28.17
CA VAL C 2 -17.55 13.26 27.19
C VAL C 2 -18.07 12.97 25.78
N HIS C 3 -17.88 13.91 24.86
CA HIS C 3 -18.28 13.73 23.48
C HIS C 3 -17.14 14.15 22.55
N LEU C 4 -16.95 13.36 21.49
CA LEU C 4 -16.08 13.71 20.37
C LEU C 4 -16.93 13.74 19.13
N VAL C 5 -16.96 14.89 18.43
CA VAL C 5 -17.84 15.09 17.28
C VAL C 5 -16.99 15.42 16.07
N GLN C 6 -17.10 14.59 15.02
CA GLN C 6 -16.28 14.72 13.82
C GLN C 6 -17.01 15.41 12.69
N SER C 7 -16.21 15.94 11.75
CA SER C 7 -16.74 16.60 10.57
C SER C 7 -17.34 15.58 9.60
N GLY C 8 -18.00 16.09 8.55
CA GLY C 8 -18.81 15.29 7.67
C GLY C 8 -18.05 14.57 6.56
N VAL C 9 -18.83 13.80 5.78
CA VAL C 9 -18.28 12.95 4.73
C VAL C 9 -17.45 13.76 3.74
N GLU C 10 -16.38 13.16 3.25
CA GLU C 10 -15.46 13.80 2.32
C GLU C 10 -15.35 12.94 1.07
N VAL C 11 -15.44 13.55 -0.10
CA VAL C 11 -15.24 12.85 -1.36
C VAL C 11 -14.13 13.58 -2.11
N LYS C 12 -13.03 12.88 -2.40
CA LYS C 12 -11.82 13.50 -2.92
C LYS C 12 -11.30 12.75 -4.13
N LYS C 13 -10.53 13.48 -4.99
CA LYS C 13 -9.77 12.96 -6.12
C LYS C 13 -8.38 12.50 -5.68
N PRO C 14 -7.80 11.48 -6.32
CA PRO C 14 -6.41 11.12 -6.01
C PRO C 14 -5.50 12.32 -6.15
N GLY C 15 -4.49 12.39 -5.27
CA GLY C 15 -3.59 13.52 -5.22
C GLY C 15 -4.05 14.71 -4.38
N ALA C 16 -5.34 14.80 -4.08
CA ALA C 16 -5.83 15.89 -3.25
C ALA C 16 -5.51 15.61 -1.79
N SER C 17 -5.96 16.51 -0.90
CA SER C 17 -5.79 16.32 0.52
C SER C 17 -7.14 16.49 1.21
N VAL C 18 -7.22 15.99 2.44
CA VAL C 18 -8.45 16.10 3.22
C VAL C 18 -8.08 16.49 4.64
N ARG C 19 -8.92 17.31 5.26
CA ARG C 19 -8.78 17.62 6.68
C ARG C 19 -10.06 17.18 7.40
N VAL C 20 -9.89 16.43 8.48
CA VAL C 20 -10.99 15.96 9.30
C VAL C 20 -10.84 16.58 10.68
N SER C 21 -11.93 17.05 11.27
CA SER C 21 -11.87 17.66 12.58
C SER C 21 -12.57 16.78 13.60
N CYS C 22 -12.22 17.01 14.86
CA CYS C 22 -12.69 16.23 15.99
C CYS C 22 -12.86 17.20 17.14
N LYS C 23 -14.13 17.54 17.47
CA LYS C 23 -14.44 18.55 18.48
C LYS C 23 -14.77 17.90 19.81
N ALA C 24 -14.01 18.25 20.84
CA ALA C 24 -14.14 17.63 22.16
C ALA C 24 -15.06 18.45 23.07
N SER C 25 -15.79 17.74 23.94
CA SER C 25 -16.52 18.40 25.01
C SER C 25 -16.51 17.49 26.22
N GLY C 26 -16.60 18.10 27.41
CA GLY C 26 -16.85 17.34 28.63
C GLY C 26 -15.63 16.91 29.41
N TYR C 27 -14.45 17.39 29.04
CA TYR C 27 -13.24 17.05 29.78
C TYR C 27 -12.19 18.11 29.48
N THR C 28 -11.12 18.09 30.27
CA THR C 28 -10.01 19.04 30.09
C THR C 28 -9.16 18.55 28.93
N PHE C 29 -9.44 19.12 27.75
CA PHE C 29 -8.88 18.68 26.48
C PHE C 29 -7.36 18.60 26.49
N ALA C 30 -6.69 19.56 27.13
CA ALA C 30 -5.24 19.66 27.06
C ALA C 30 -4.51 18.63 27.93
N THR C 31 -5.21 17.79 28.71
CA THR C 31 -4.51 16.77 29.48
C THR C 31 -4.55 15.38 28.86
N TYR C 32 -5.34 15.19 27.79
CA TYR C 32 -5.46 13.92 27.09
C TYR C 32 -4.86 14.06 25.70
N GLY C 33 -4.64 12.93 25.05
CA GLY C 33 -4.26 12.91 23.65
C GLY C 33 -5.47 12.65 22.78
N ILE C 34 -5.29 12.86 21.49
CA ILE C 34 -6.27 12.43 20.50
C ILE C 34 -5.59 11.45 19.56
N THR C 35 -6.20 10.29 19.39
CA THR C 35 -5.73 9.23 18.51
C THR C 35 -6.62 9.18 17.29
N TRP C 36 -6.05 8.84 16.14
CA TRP C 36 -6.83 8.60 14.94
C TRP C 36 -6.66 7.15 14.53
N VAL C 37 -7.76 6.53 14.13
CA VAL C 37 -7.81 5.13 13.71
C VAL C 37 -8.61 5.13 12.41
N ARG C 38 -8.19 4.32 11.44
CA ARG C 38 -9.01 4.23 10.24
C ARG C 38 -9.41 2.79 9.96
N GLN C 39 -10.42 2.64 9.11
CA GLN C 39 -11.00 1.32 8.86
C GLN C 39 -11.50 1.28 7.43
N ALA C 40 -10.81 0.55 6.57
CA ALA C 40 -11.27 0.42 5.20
C ALA C 40 -12.52 -0.45 5.14
N PRO C 41 -13.33 -0.34 4.09
CA PRO C 41 -14.57 -1.12 4.02
C PRO C 41 -14.30 -2.61 4.17
N GLY C 42 -14.97 -3.23 5.14
CA GLY C 42 -14.82 -4.66 5.37
C GLY C 42 -13.53 -5.10 6.03
N ARG C 43 -12.69 -4.16 6.47
CA ARG C 43 -11.40 -4.47 7.05
C ARG C 43 -11.35 -4.03 8.52
N GLY C 44 -10.17 -4.18 9.13
CA GLY C 44 -10.04 -4.00 10.56
C GLY C 44 -9.59 -2.59 10.92
N LEU C 45 -9.34 -2.40 12.21
CA LEU C 45 -8.91 -1.09 12.71
C LEU C 45 -7.42 -0.93 12.52
N GLU C 46 -7.03 0.21 11.98
CA GLU C 46 -5.63 0.50 11.72
C GLU C 46 -5.27 1.79 12.44
N TRP C 47 -4.25 1.72 13.29
CA TRP C 47 -3.78 2.90 14.02
C TRP C 47 -3.12 3.89 13.06
N VAL C 48 -3.55 5.14 13.09
CA VAL C 48 -2.93 6.19 12.28
C VAL C 48 -1.88 6.94 13.08
N GLY C 49 -2.22 7.38 14.29
CA GLY C 49 -1.27 8.09 15.13
C GLY C 49 -1.99 8.77 16.28
N TRP C 50 -1.22 9.51 17.08
CA TRP C 50 -1.79 10.34 18.14
C TRP C 50 -1.02 11.65 18.26
N ILE C 51 -1.69 12.64 18.87
CA ILE C 51 -1.06 13.92 19.19
C ILE C 51 -1.37 14.25 20.64
N THR C 52 -0.36 14.71 21.38
CA THR C 52 -0.60 15.19 22.76
C THR C 52 -0.43 16.70 22.80
N PRO C 53 -1.46 17.43 23.23
CA PRO C 53 -1.41 18.91 23.11
C PRO C 53 -0.46 19.58 24.07
N TYR C 54 -0.16 18.97 25.21
CA TYR C 54 0.66 19.66 26.20
C TYR C 54 2.13 19.69 25.83
N ASN C 55 2.56 18.91 24.84
CA ASN C 55 3.93 19.00 24.37
C ASN C 55 4.01 19.03 22.85
N ASP C 56 2.87 19.13 22.16
CA ASP C 56 2.78 19.07 20.69
C ASP C 56 3.61 17.95 20.09
N ARG C 57 3.68 16.82 20.78
CA ARG C 57 4.30 15.65 20.18
C ARG C 57 3.27 14.83 19.42
N THR C 58 3.73 14.24 18.33
CA THR C 58 2.91 13.36 17.52
C THR C 58 3.64 12.04 17.33
N SER C 59 2.87 11.02 17.04
CA SER C 59 3.47 9.76 16.62
C SER C 59 2.55 9.19 15.57
N TYR C 60 3.12 8.81 14.42
CA TYR C 60 2.37 8.32 13.27
C TYR C 60 2.86 6.93 12.87
N ALA C 61 1.92 6.08 12.41
CA ALA C 61 2.31 4.80 11.82
C ALA C 61 3.18 5.05 10.60
N GLN C 62 4.13 4.14 10.38
CA GLN C 62 5.19 4.35 9.39
C GLN C 62 4.62 4.71 8.02
N ILE C 63 3.58 3.98 7.58
CA ILE C 63 3.05 4.21 6.25
C ILE C 63 2.47 5.59 6.06
N PHE C 64 2.25 6.34 7.15
CA PHE C 64 1.69 7.68 7.04
C PHE C 64 2.74 8.78 7.13
N HIS C 65 3.99 8.44 7.42
CA HIS C 65 5.02 9.48 7.49
C HIS C 65 5.09 10.29 6.21
N GLY C 66 5.20 11.61 6.37
CA GLY C 66 5.26 12.52 5.26
C GLY C 66 3.93 12.81 4.60
N ARG C 67 2.88 12.08 4.95
CA ARG C 67 1.57 12.24 4.32
C ARG C 67 0.51 12.77 5.28
N VAL C 68 0.60 12.45 6.57
CA VAL C 68 -0.41 12.86 7.56
C VAL C 68 0.19 13.94 8.43
N THR C 69 -0.67 14.87 8.86
CA THR C 69 -0.28 15.84 9.88
C THR C 69 -1.39 15.92 10.89
N MET C 70 -1.08 15.78 12.18
CA MET C 70 -2.11 16.00 13.18
C MET C 70 -1.82 17.31 13.88
N THR C 71 -2.88 18.04 14.21
CA THR C 71 -2.73 19.24 14.99
C THR C 71 -3.83 19.29 16.03
N THR C 72 -3.63 20.12 17.05
CA THR C 72 -4.65 20.37 18.05
C THR C 72 -4.72 21.87 18.22
N ASP C 73 -5.93 22.39 18.30
CA ASP C 73 -6.16 23.81 18.50
C ASP C 73 -6.80 23.96 19.87
N THR C 74 -5.98 24.37 20.85
CA THR C 74 -6.53 24.58 22.19
C THR C 74 -7.43 25.80 22.26
N SER C 75 -7.39 26.70 21.27
CA SER C 75 -8.30 27.83 21.32
C SER C 75 -9.73 27.39 21.06
N THR C 76 -9.93 26.28 20.32
CA THR C 76 -11.28 25.78 20.05
C THR C 76 -11.49 24.36 20.56
N ASN C 77 -10.50 23.77 21.23
CA ASN C 77 -10.60 22.41 21.76
C ASN C 77 -10.98 21.43 20.66
N THR C 78 -10.24 21.51 19.55
CA THR C 78 -10.53 20.74 18.35
C THR C 78 -9.22 20.11 17.89
N ALA C 79 -9.26 18.82 17.54
CA ALA C 79 -8.13 18.16 16.91
C ALA C 79 -8.40 17.96 15.43
N TYR C 80 -7.31 17.97 14.63
CA TYR C 80 -7.39 17.83 13.19
C TYR C 80 -6.42 16.75 12.68
N MET C 81 -6.89 16.02 11.66
CA MET C 81 -6.06 15.12 10.89
C MET C 81 -6.10 15.58 9.44
N GLU C 82 -4.94 15.84 8.88
CA GLU C 82 -4.82 16.14 7.46
C GLU C 82 -4.04 15.04 6.76
N LEU C 83 -4.61 14.53 5.68
CA LEU C 83 -3.97 13.48 4.91
C LEU C 83 -3.79 14.01 3.48
N ARG C 84 -2.55 14.00 3.01
CA ARG C 84 -2.17 14.57 1.72
C ARG C 84 -1.89 13.46 0.72
N SER C 85 -1.72 13.85 -0.54
CA SER C 85 -1.40 12.87 -1.61
C SER C 85 -2.36 11.68 -1.49
N LEU C 86 -3.67 11.96 -1.45
CA LEU C 86 -4.67 10.88 -1.23
C LEU C 86 -4.59 9.84 -2.35
N ARG C 87 -4.73 8.56 -1.98
CA ARG C 87 -4.76 7.47 -2.99
C ARG C 87 -6.05 6.67 -2.78
N SER C 88 -6.53 5.97 -3.80
CA SER C 88 -7.83 5.25 -3.70
C SER C 88 -7.85 4.36 -2.46
N ASP C 89 -6.70 3.82 -2.06
CA ASP C 89 -6.64 2.88 -0.90
C ASP C 89 -6.81 3.64 0.41
N ASP C 90 -6.80 4.98 0.39
CA ASP C 90 -7.04 5.74 1.61
C ASP C 90 -8.53 5.84 1.93
N THR C 91 -9.39 5.36 1.03
CA THR C 91 -10.81 5.27 1.29
C THR C 91 -11.06 4.47 2.56
N ALA C 92 -11.70 5.10 3.54
CA ALA C 92 -11.89 4.50 4.86
C ALA C 92 -12.75 5.40 5.72
N MET C 93 -13.30 4.80 6.76
CA MET C 93 -13.81 5.53 7.92
C MET C 93 -12.66 5.94 8.82
N TYR C 94 -12.57 7.22 9.15
CA TYR C 94 -11.53 7.72 10.04
C TYR C 94 -12.19 8.10 11.36
N TYR C 95 -11.70 7.51 12.46
CA TYR C 95 -12.20 7.82 13.80
C TYR C 95 -11.16 8.62 14.58
N CYS C 96 -11.62 9.60 15.36
CA CYS C 96 -10.78 10.13 16.42
C CYS C 96 -11.21 9.48 17.73
N ALA C 97 -10.29 9.40 18.68
CA ALA C 97 -10.60 8.77 19.96
C ALA C 97 -9.67 9.37 21.00
N ARG C 98 -10.04 9.24 22.27
CA ARG C 98 -9.26 9.88 23.33
C ARG C 98 -8.33 8.87 24.00
N ASN C 99 -7.04 9.19 24.04
CA ASN C 99 -6.07 8.43 24.83
C ASN C 99 -5.34 9.39 25.77
N HIS C 100 -4.42 8.82 26.55
CA HIS C 100 -3.61 9.62 27.46
C HIS C 100 -2.40 8.78 27.83
N CYS C 101 -1.44 9.45 28.47
CA CYS C 101 -0.28 8.72 29.05
C CYS C 101 -0.40 8.88 30.56
N ASN C 102 -0.46 7.76 31.29
CA ASN C 102 -0.59 7.77 32.74
C ASN C 102 0.82 7.99 33.29
N PHE C 103 1.04 9.15 33.91
CA PHE C 103 2.39 9.53 34.32
C PHE C 103 2.77 8.95 35.68
N TYR C 104 1.79 8.57 36.49
CA TYR C 104 2.08 7.86 37.73
C TYR C 104 2.73 6.50 37.45
N HIS C 105 2.15 5.74 36.53
CA HIS C 105 2.56 4.37 36.26
C HIS C 105 3.26 4.19 34.92
N ASP C 106 3.38 5.26 34.15
CA ASP C 106 4.17 5.27 32.92
C ASP C 106 3.66 4.25 31.91
N PHE C 107 2.39 4.38 31.56
CA PHE C 107 1.84 3.57 30.47
C PHE C 107 0.91 4.42 29.61
N TRP C 108 0.82 4.03 28.35
CA TRP C 108 -0.11 4.63 27.41
C TRP C 108 -1.46 3.93 27.52
N SER C 109 -2.53 4.71 27.43
CA SER C 109 -3.85 4.20 27.75
C SER C 109 -4.54 3.54 26.55
N GLY C 110 -5.71 2.95 26.81
CA GLY C 110 -6.61 2.59 25.75
C GLY C 110 -7.44 3.78 25.34
N LEU C 111 -8.38 3.53 24.43
CA LEU C 111 -9.15 4.58 23.76
C LEU C 111 -10.55 4.56 24.34
N ASP C 112 -10.82 5.47 25.29
CA ASP C 112 -12.05 5.32 26.06
C ASP C 112 -13.26 5.96 25.38
N TYR C 113 -13.13 7.12 24.77
CA TYR C 113 -14.24 7.74 24.05
C TYR C 113 -13.87 7.89 22.58
N TRP C 114 -14.84 7.66 21.71
CA TRP C 114 -14.62 7.65 20.27
C TRP C 114 -15.56 8.61 19.58
N GLY C 115 -15.04 9.31 18.55
CA GLY C 115 -15.89 10.05 17.64
C GLY C 115 -16.81 9.13 16.83
N GLN C 116 -17.73 9.73 16.08
CA GLN C 116 -18.68 8.91 15.31
C GLN C 116 -18.11 8.41 13.99
N GLY C 117 -16.91 8.85 13.61
CA GLY C 117 -16.34 8.46 12.33
C GLY C 117 -16.61 9.43 11.22
N THR C 118 -15.65 9.59 10.31
CA THR C 118 -15.78 10.40 9.12
C THR C 118 -15.43 9.53 7.92
N LEU C 119 -16.37 9.33 7.01
CA LEU C 119 -16.06 8.59 5.80
C LEU C 119 -15.31 9.48 4.81
N VAL C 120 -14.15 8.99 4.36
CA VAL C 120 -13.38 9.66 3.31
C VAL C 120 -13.30 8.70 2.13
N SER C 121 -13.85 9.13 1.00
CA SER C 121 -13.83 8.35 -0.24
C SER C 121 -12.89 9.03 -1.23
N VAL C 122 -11.92 8.27 -1.76
CA VAL C 122 -10.96 8.77 -2.75
C VAL C 122 -11.23 8.05 -4.06
N SER C 123 -11.48 8.81 -5.12
CA SER C 123 -11.86 8.24 -6.40
C SER C 123 -11.61 9.27 -7.50
N SER C 124 -11.20 8.79 -8.67
CA SER C 124 -11.09 9.69 -9.81
C SER C 124 -12.43 9.88 -10.53
N ALA C 125 -13.47 9.16 -10.11
CA ALA C 125 -14.78 9.29 -10.74
C ALA C 125 -15.43 10.63 -10.41
N SER C 126 -16.34 11.03 -11.29
CA SER C 126 -17.11 12.25 -11.15
C SER C 126 -18.55 11.93 -10.78
N THR C 127 -19.23 12.92 -10.22
CA THR C 127 -20.63 12.76 -9.84
C THR C 127 -21.47 12.31 -11.02
N LYS C 128 -22.32 11.30 -10.79
CA LYS C 128 -23.10 10.71 -11.86
C LYS C 128 -24.33 10.03 -11.26
N GLY C 129 -25.51 10.38 -11.78
CA GLY C 129 -26.74 9.75 -11.37
C GLY C 129 -26.88 8.34 -11.93
N PRO C 130 -27.63 7.50 -11.24
CA PRO C 130 -27.72 6.09 -11.66
C PRO C 130 -28.67 5.91 -12.83
N SER C 131 -28.42 4.84 -13.58
CA SER C 131 -29.43 4.30 -14.48
C SER C 131 -30.16 3.19 -13.74
N VAL C 132 -31.48 3.18 -13.84
CA VAL C 132 -32.32 2.23 -13.09
C VAL C 132 -32.95 1.27 -14.10
N PHE C 133 -32.68 -0.01 -13.93
CA PHE C 133 -33.21 -1.06 -14.78
C PHE C 133 -34.12 -2.00 -13.99
N PRO C 134 -35.17 -2.52 -14.63
CA PRO C 134 -36.07 -3.44 -13.92
C PRO C 134 -35.48 -4.85 -13.85
N LEU C 135 -35.73 -5.50 -12.71
CA LEU C 135 -35.44 -6.92 -12.51
C LEU C 135 -36.80 -7.59 -12.52
N ALA C 136 -37.22 -8.08 -13.72
CA ALA C 136 -38.64 -8.39 -13.84
C ALA C 136 -38.94 -9.83 -13.44
N PRO C 137 -40.13 -10.07 -12.87
CA PRO C 137 -40.60 -11.42 -12.57
C PRO C 137 -40.87 -12.23 -13.84
N GLY C 145 -44.91 -20.26 -4.40
CA GLY C 145 -45.84 -19.21 -4.87
C GLY C 145 -45.26 -17.84 -4.62
N THR C 146 -43.94 -17.78 -4.44
CA THR C 146 -43.27 -16.50 -4.19
C THR C 146 -42.58 -16.02 -5.47
N ALA C 147 -42.78 -14.77 -5.83
CA ALA C 147 -42.04 -14.20 -6.96
C ALA C 147 -41.09 -13.11 -6.45
N ALA C 148 -39.99 -12.91 -7.15
CA ALA C 148 -39.10 -11.81 -6.82
C ALA C 148 -39.07 -10.81 -7.97
N LEU C 149 -38.95 -9.54 -7.62
CA LEU C 149 -38.75 -8.51 -8.62
C LEU C 149 -37.93 -7.42 -7.96
N GLY C 150 -37.39 -6.52 -8.76
CA GLY C 150 -36.58 -5.48 -8.17
C GLY C 150 -36.14 -4.45 -9.18
N CYS C 151 -35.20 -3.62 -8.74
CA CYS C 151 -34.57 -2.62 -9.59
C CYS C 151 -33.07 -2.72 -9.45
N LEU C 152 -32.37 -2.66 -10.58
CA LEU C 152 -30.92 -2.54 -10.60
C LEU C 152 -30.56 -1.06 -10.72
N VAL C 153 -29.81 -0.56 -9.76
CA VAL C 153 -29.47 0.86 -9.66
C VAL C 153 -27.97 0.96 -9.96
N LYS C 154 -27.62 1.24 -11.22
CA LYS C 154 -26.27 0.94 -11.67
C LYS C 154 -25.54 2.19 -12.15
N ASP C 155 -24.23 2.21 -11.89
CA ASP C 155 -23.30 3.22 -12.39
C ASP C 155 -23.62 4.63 -11.88
N TYR C 156 -23.56 4.78 -10.55
CA TYR C 156 -23.71 6.09 -9.94
C TYR C 156 -22.51 6.41 -9.06
N PHE C 157 -22.38 7.69 -8.71
CA PHE C 157 -21.29 8.18 -7.88
C PHE C 157 -21.66 9.55 -7.35
N PRO C 158 -21.35 9.86 -6.08
CA PRO C 158 -20.85 8.96 -5.05
C PRO C 158 -22.01 8.32 -4.29
N GLU C 159 -21.71 7.52 -3.28
CA GLU C 159 -22.71 7.14 -2.30
C GLU C 159 -23.30 8.41 -1.67
N PRO C 160 -24.53 8.34 -1.16
CA PRO C 160 -25.43 7.19 -1.13
C PRO C 160 -26.64 7.36 -2.04
N VAL C 161 -27.37 6.28 -2.27
CA VAL C 161 -28.71 6.34 -2.84
C VAL C 161 -29.66 5.80 -1.79
N THR C 162 -30.89 6.29 -1.80
CA THR C 162 -31.96 5.70 -1.02
C THR C 162 -32.99 5.10 -1.96
N VAL C 163 -33.59 4.00 -1.52
CA VAL C 163 -34.59 3.30 -2.29
C VAL C 163 -35.80 3.04 -1.40
N SER C 164 -36.98 3.26 -1.97
CA SER C 164 -38.25 2.85 -1.37
C SER C 164 -39.08 2.17 -2.44
N TRP C 165 -40.19 1.58 -2.04
CA TRP C 165 -41.07 0.91 -2.98
C TRP C 165 -42.48 1.42 -2.77
N ASN C 166 -43.16 1.73 -3.87
CA ASN C 166 -44.51 2.28 -3.86
C ASN C 166 -44.61 3.45 -2.88
N SER C 167 -43.65 4.37 -3.00
CA SER C 167 -43.61 5.59 -2.20
C SER C 167 -43.55 5.31 -0.71
N GLY C 168 -43.03 4.14 -0.33
CA GLY C 168 -42.93 3.76 1.06
C GLY C 168 -44.09 2.93 1.57
N ALA C 169 -45.11 2.70 0.76
CA ALA C 169 -46.22 1.86 1.19
C ALA C 169 -45.83 0.40 1.25
N LEU C 170 -44.83 -0.01 0.47
CA LEU C 170 -44.36 -1.39 0.44
C LEU C 170 -43.05 -1.48 1.22
N THR C 171 -43.08 -2.18 2.35
CA THR C 171 -41.89 -2.33 3.17
C THR C 171 -41.59 -3.78 3.52
N SER C 172 -42.63 -4.61 3.68
CA SER C 172 -42.39 -6.01 4.02
C SER C 172 -41.85 -6.76 2.81
N GLY C 173 -40.76 -7.49 3.00
CA GLY C 173 -40.15 -8.24 1.92
C GLY C 173 -39.19 -7.47 1.05
N VAL C 174 -38.91 -6.21 1.38
CA VAL C 174 -37.97 -5.40 0.62
C VAL C 174 -36.55 -5.63 1.13
N HIS C 175 -35.65 -5.84 0.18
CA HIS C 175 -34.21 -5.99 0.52
C HIS C 175 -33.38 -5.08 -0.40
N THR C 176 -32.82 -4.01 0.13
CA THR C 176 -31.92 -3.15 -0.62
C THR C 176 -30.48 -3.50 -0.25
N PHE C 177 -29.66 -3.80 -1.24
CA PHE C 177 -28.33 -4.36 -0.97
C PHE C 177 -27.28 -3.27 -0.84
N PRO C 178 -26.24 -3.52 -0.05
CA PRO C 178 -25.11 -2.60 -0.02
C PRO C 178 -24.54 -2.44 -1.42
N ALA C 179 -24.15 -1.22 -1.76
CA ALA C 179 -23.60 -0.97 -3.07
C ALA C 179 -22.26 -1.66 -3.23
N VAL C 180 -21.99 -2.13 -4.44
CA VAL C 180 -20.68 -2.65 -4.78
C VAL C 180 -19.96 -1.62 -5.61
N LEU C 181 -18.64 -1.56 -5.44
CA LEU C 181 -17.79 -0.68 -6.22
C LEU C 181 -17.31 -1.44 -7.44
N GLN C 182 -17.62 -0.93 -8.62
CA GLN C 182 -17.29 -1.61 -9.86
C GLN C 182 -15.88 -1.24 -10.30
N SER C 183 -15.34 -2.03 -11.23
CA SER C 183 -14.02 -1.76 -11.77
C SER C 183 -13.93 -0.36 -12.33
N SER C 184 -15.01 0.14 -12.91
CA SER C 184 -15.09 1.49 -13.46
C SER C 184 -14.93 2.58 -12.40
N GLY C 185 -14.99 2.23 -11.12
CA GLY C 185 -15.02 3.22 -10.06
C GLY C 185 -16.40 3.75 -9.73
N LEU C 186 -17.45 3.25 -10.38
CA LEU C 186 -18.81 3.66 -10.09
C LEU C 186 -19.48 2.61 -9.21
N TYR C 187 -20.52 3.04 -8.50
CA TYR C 187 -21.26 2.14 -7.62
C TYR C 187 -22.47 1.55 -8.33
N SER C 188 -22.89 0.38 -7.84
CA SER C 188 -24.11 -0.23 -8.34
C SER C 188 -24.70 -1.05 -7.21
N LEU C 189 -26.03 -1.08 -7.15
CA LEU C 189 -26.73 -1.91 -6.19
C LEU C 189 -28.02 -2.44 -6.81
N SER C 190 -28.66 -3.36 -6.08
CA SER C 190 -29.98 -3.86 -6.39
C SER C 190 -30.89 -3.64 -5.19
N SER C 191 -32.17 -3.47 -5.46
CA SER C 191 -33.21 -3.51 -4.46
C SER C 191 -34.28 -4.47 -4.96
N VAL C 192 -34.66 -5.45 -4.13
CA VAL C 192 -35.58 -6.49 -4.56
C VAL C 192 -36.70 -6.58 -3.54
N VAL C 193 -37.82 -7.14 -3.96
CA VAL C 193 -38.90 -7.45 -3.04
C VAL C 193 -39.51 -8.80 -3.45
N THR C 194 -39.84 -9.61 -2.44
CA THR C 194 -40.51 -10.88 -2.66
C THR C 194 -42.00 -10.69 -2.44
N VAL C 195 -42.81 -11.16 -3.38
CA VAL C 195 -44.26 -10.95 -3.35
C VAL C 195 -44.94 -12.27 -3.70
N PRO C 196 -46.22 -12.41 -3.39
CA PRO C 196 -46.98 -13.55 -3.91
C PRO C 196 -47.04 -13.49 -5.42
N SER C 197 -46.65 -14.58 -6.08
CA SER C 197 -46.77 -14.64 -7.53
C SER C 197 -48.20 -14.49 -7.99
N SER C 198 -49.17 -14.75 -7.11
CA SER C 198 -50.57 -14.56 -7.46
C SER C 198 -50.94 -13.09 -7.60
N SER C 199 -50.11 -12.17 -7.13
CA SER C 199 -50.45 -10.75 -7.14
C SER C 199 -49.81 -9.99 -8.30
N LEU C 200 -49.14 -10.69 -9.22
CA LEU C 200 -48.40 -10.02 -10.29
C LEU C 200 -49.28 -9.41 -11.37
N GLY C 201 -50.60 -9.63 -11.32
CA GLY C 201 -51.49 -8.99 -12.25
C GLY C 201 -52.27 -7.86 -11.59
N THR C 202 -52.62 -8.05 -10.33
CA THR C 202 -53.48 -7.09 -9.65
C THR C 202 -52.70 -5.92 -9.06
N GLN C 203 -51.42 -6.11 -8.73
CA GLN C 203 -50.67 -5.13 -7.96
C GLN C 203 -49.55 -4.50 -8.79
N THR C 204 -49.37 -3.20 -8.61
CA THR C 204 -48.32 -2.43 -9.26
C THR C 204 -47.16 -2.23 -8.29
N TYR C 205 -45.94 -2.44 -8.79
CA TYR C 205 -44.72 -2.34 -8.00
C TYR C 205 -43.80 -1.32 -8.64
N ILE C 206 -43.49 -0.26 -7.89
CA ILE C 206 -42.66 0.84 -8.39
C ILE C 206 -41.53 1.06 -7.40
N CYS C 207 -40.29 1.07 -7.89
CA CYS C 207 -39.16 1.41 -7.04
C CYS C 207 -38.82 2.89 -7.20
N ASN C 208 -38.54 3.53 -6.07
CA ASN C 208 -38.25 4.95 -6.00
C ASN C 208 -36.79 5.09 -5.61
N VAL C 209 -35.97 5.59 -6.52
CA VAL C 209 -34.53 5.72 -6.31
C VAL C 209 -34.22 7.22 -6.19
N ASN C 210 -33.59 7.61 -5.08
CA ASN C 210 -33.15 8.97 -4.84
C ASN C 210 -31.63 9.03 -4.74
N HIS C 211 -31.02 9.91 -5.53
CA HIS C 211 -29.57 10.13 -5.48
C HIS C 211 -29.34 11.64 -5.35
N LYS C 212 -29.35 12.13 -4.11
CA LYS C 212 -29.23 13.57 -3.89
C LYS C 212 -27.93 14.17 -4.42
N PRO C 213 -26.76 13.51 -4.34
CA PRO C 213 -25.54 14.13 -4.90
C PRO C 213 -25.66 14.59 -6.34
N SER C 214 -26.54 13.98 -7.14
CA SER C 214 -26.72 14.38 -8.53
C SER C 214 -28.09 15.01 -8.78
N ASN C 215 -28.89 15.22 -7.73
CA ASN C 215 -30.26 15.74 -7.85
C ASN C 215 -31.11 14.87 -8.77
N THR C 216 -30.79 13.58 -8.80
CA THR C 216 -31.49 12.59 -9.60
C THR C 216 -32.52 11.88 -8.73
N LYS C 217 -33.69 11.62 -9.29
CA LYS C 217 -34.68 10.83 -8.59
C LYS C 217 -35.48 10.06 -9.63
N VAL C 218 -35.57 8.75 -9.48
CA VAL C 218 -36.10 7.87 -10.52
C VAL C 218 -37.19 6.99 -9.92
N ASP C 219 -38.37 7.02 -10.54
CA ASP C 219 -39.43 6.05 -10.29
C ASP C 219 -39.49 5.08 -11.45
N LYS C 220 -39.57 3.79 -11.15
CA LYS C 220 -39.48 2.75 -12.18
C LYS C 220 -40.50 1.68 -11.86
N LYS C 221 -41.52 1.55 -12.70
CA LYS C 221 -42.51 0.50 -12.52
C LYS C 221 -41.93 -0.79 -13.07
N VAL C 222 -42.06 -1.87 -12.31
CA VAL C 222 -41.48 -3.15 -12.67
C VAL C 222 -42.61 -4.11 -13.04
N GLU C 223 -42.59 -4.60 -14.28
CA GLU C 223 -43.67 -5.41 -14.81
C GLU C 223 -43.19 -6.81 -15.18
N PRO C 224 -44.05 -7.83 -15.00
CA PRO C 224 -43.79 -9.20 -15.43
C PRO C 224 -43.48 -9.30 -16.92
N SER D 1 6.72 -2.90 15.19
CA SER D 1 5.97 -3.04 16.44
C SER D 1 5.76 -4.52 16.70
N PHE D 2 5.49 -4.88 17.95
CA PHE D 2 5.21 -6.27 18.25
C PHE D 2 3.82 -6.61 17.71
N GLU D 3 3.64 -7.87 17.30
CA GLU D 3 2.37 -8.34 16.76
C GLU D 3 1.41 -8.78 17.85
N LEU D 4 0.12 -8.67 17.57
CA LEU D 4 -0.94 -9.26 18.38
C LEU D 4 -1.68 -10.25 17.51
N THR D 5 -1.82 -11.49 17.99
CA THR D 5 -2.46 -12.56 17.23
C THR D 5 -3.78 -12.94 17.88
N GLN D 6 -4.87 -12.77 17.14
CA GLN D 6 -6.18 -13.18 17.57
C GLN D 6 -6.83 -13.89 16.39
N PRO D 7 -7.73 -14.84 16.64
CA PRO D 7 -8.32 -15.58 15.51
C PRO D 7 -9.21 -14.68 14.67
N PRO D 8 -9.33 -14.96 13.38
CA PRO D 8 -10.22 -14.13 12.55
C PRO D 8 -11.69 -14.33 12.84
N SER D 9 -12.06 -15.46 13.43
CA SER D 9 -13.47 -15.78 13.59
C SER D 9 -13.65 -16.77 14.72
N VAL D 10 -14.69 -16.53 15.52
CA VAL D 10 -15.12 -17.42 16.59
C VAL D 10 -16.63 -17.56 16.48
N SER D 11 -17.13 -18.80 16.49
CA SER D 11 -18.57 -19.05 16.55
C SER D 11 -18.95 -19.54 17.94
N VAL D 12 -20.09 -19.04 18.44
CA VAL D 12 -20.63 -19.45 19.73
C VAL D 12 -22.15 -19.57 19.61
N SER D 13 -22.74 -20.60 20.26
CA SER D 13 -24.19 -20.69 20.32
C SER D 13 -24.74 -19.78 21.41
N PRO D 14 -25.97 -19.27 21.27
CA PRO D 14 -26.54 -18.46 22.34
C PRO D 14 -26.55 -19.23 23.66
N GLY D 15 -26.16 -18.56 24.74
CA GLY D 15 -26.07 -19.20 26.04
C GLY D 15 -24.82 -20.00 26.30
N GLN D 16 -23.91 -20.07 25.34
CA GLN D 16 -22.67 -20.82 25.49
C GLN D 16 -21.51 -19.86 25.67
N THR D 17 -20.36 -20.40 26.06
CA THR D 17 -19.20 -19.58 26.37
C THR D 17 -18.32 -19.39 25.14
N ALA D 18 -18.02 -18.12 24.81
CA ALA D 18 -17.07 -17.78 23.75
C ALA D 18 -15.73 -17.45 24.39
N ARG D 19 -14.65 -17.86 23.75
CA ARG D 19 -13.31 -17.50 24.21
C ARG D 19 -12.52 -16.94 23.03
N ILE D 20 -12.04 -15.71 23.18
CA ILE D 20 -11.28 -15.05 22.13
C ILE D 20 -9.90 -14.78 22.68
N THR D 21 -8.89 -15.43 22.12
CA THR D 21 -7.53 -15.20 22.60
C THR D 21 -6.84 -14.07 21.84
N CYS D 22 -5.86 -13.49 22.51
CA CYS D 22 -5.00 -12.47 21.94
C CYS D 22 -3.60 -12.70 22.51
N SER D 23 -2.63 -12.98 21.65
CA SER D 23 -1.28 -13.34 22.08
C SER D 23 -0.24 -12.42 21.48
N GLY D 24 0.82 -12.19 22.25
CA GLY D 24 1.98 -11.43 21.78
C GLY D 24 3.02 -11.39 22.89
N ASP D 25 4.29 -11.33 22.56
CA ASP D 25 5.29 -11.42 23.62
C ASP D 25 5.59 -10.09 24.25
N ALA D 26 4.87 -9.03 23.89
CA ALA D 26 4.82 -7.83 24.69
C ALA D 26 3.80 -7.92 25.81
N LEU D 27 2.89 -8.89 25.76
CA LEU D 27 1.78 -8.85 26.70
C LEU D 27 2.19 -9.06 28.16
N PRO D 28 3.21 -9.88 28.50
CA PRO D 28 3.60 -9.99 29.90
C PRO D 28 3.98 -8.63 30.52
N LYS D 29 4.32 -7.65 29.69
CA LYS D 29 4.79 -6.35 30.23
C LYS D 29 3.83 -5.20 29.90
N GLN D 30 2.83 -5.44 29.04
CA GLN D 30 1.95 -4.32 28.63
C GLN D 30 0.48 -4.68 28.86
N TYR D 31 -0.37 -3.67 29.04
CA TYR D 31 -1.81 -3.93 29.18
C TYR D 31 -2.44 -4.28 27.83
N VAL D 32 -3.56 -5.01 27.89
CA VAL D 32 -4.37 -5.30 26.70
C VAL D 32 -5.70 -4.59 26.86
N TYR D 33 -6.22 -4.10 25.75
CA TYR D 33 -7.53 -3.44 25.68
C TYR D 33 -8.38 -4.17 24.66
N TRP D 34 -9.69 -4.32 24.92
CA TRP D 34 -10.61 -4.98 24.01
C TRP D 34 -11.69 -4.01 23.59
N TYR D 35 -11.97 -3.95 22.28
CA TYR D 35 -13.02 -3.12 21.71
C TYR D 35 -14.03 -4.02 21.03
N GLN D 36 -15.30 -3.67 21.19
CA GLN D 36 -16.40 -4.34 20.52
C GLN D 36 -16.90 -3.40 19.44
N GLN D 37 -17.06 -3.89 18.21
CA GLN D 37 -17.62 -3.06 17.16
C GLN D 37 -18.78 -3.79 16.49
N LYS D 38 -19.97 -3.26 16.67
CA LYS D 38 -21.13 -3.78 15.97
C LYS D 38 -21.28 -3.11 14.61
N PRO D 39 -22.02 -3.71 13.68
CA PRO D 39 -22.02 -3.19 12.31
C PRO D 39 -22.58 -1.78 12.21
N GLY D 40 -21.84 -0.92 11.51
CA GLY D 40 -22.24 0.46 11.37
C GLY D 40 -22.19 1.27 12.64
N GLN D 41 -21.47 0.79 13.67
CA GLN D 41 -21.25 1.56 14.87
C GLN D 41 -19.76 1.78 15.09
N ALA D 42 -19.42 2.78 15.90
CA ALA D 42 -18.04 3.00 16.29
C ALA D 42 -17.61 1.95 17.31
N PRO D 43 -16.29 1.67 17.39
CA PRO D 43 -15.83 0.71 18.42
C PRO D 43 -16.12 1.21 19.83
N VAL D 44 -16.22 0.26 20.75
CA VAL D 44 -16.51 0.56 22.15
C VAL D 44 -15.51 -0.20 23.01
N LEU D 45 -14.91 0.49 23.97
CA LEU D 45 -13.95 -0.15 24.87
C LEU D 45 -14.72 -0.99 25.89
N VAL D 46 -14.43 -2.30 25.93
CA VAL D 46 -15.16 -3.21 26.80
C VAL D 46 -14.30 -3.85 27.87
N ILE D 47 -12.99 -3.88 27.71
CA ILE D 47 -12.05 -4.30 28.74
C ILE D 47 -10.86 -3.37 28.65
N TYR D 48 -10.38 -2.88 29.78
CA TYR D 48 -9.17 -2.07 29.73
C TYR D 48 -8.22 -2.50 30.84
N LYS D 49 -6.93 -2.16 30.62
CA LYS D 49 -5.84 -2.57 31.52
C LYS D 49 -5.91 -4.06 31.85
N THR D 50 -6.21 -4.87 30.83
CA THR D 50 -6.26 -6.32 30.85
C THR D 50 -7.43 -6.90 31.63
N THR D 51 -7.76 -6.37 32.81
CA THR D 51 -8.78 -7.03 33.62
C THR D 51 -9.99 -6.16 33.95
N GLU D 52 -9.97 -4.87 33.66
CA GLU D 52 -11.00 -3.98 34.18
C GLU D 52 -12.16 -3.87 33.19
N ARG D 53 -13.37 -3.89 33.73
CA ARG D 53 -14.54 -3.74 32.91
C ARG D 53 -15.18 -2.38 33.18
N PRO D 54 -15.43 -1.57 32.15
CA PRO D 54 -16.11 -0.29 32.37
C PRO D 54 -17.50 -0.53 32.92
N SER D 55 -17.97 0.43 33.71
CA SER D 55 -19.38 0.41 34.09
C SER D 55 -20.25 0.41 32.85
N GLY D 56 -21.32 -0.38 32.86
CA GLY D 56 -22.18 -0.49 31.69
C GLY D 56 -21.87 -1.63 30.76
N ILE D 57 -20.73 -2.28 30.94
CA ILE D 57 -20.43 -3.47 30.15
C ILE D 57 -20.96 -4.66 30.95
N PRO D 58 -21.73 -5.56 30.33
CA PRO D 58 -22.27 -6.71 31.08
C PRO D 58 -21.20 -7.54 31.79
N GLU D 59 -21.57 -8.07 32.95
CA GLU D 59 -20.66 -8.88 33.75
C GLU D 59 -20.26 -10.19 33.07
N ARG D 60 -20.94 -10.57 32.00
CA ARG D 60 -20.56 -11.81 31.33
C ARG D 60 -19.27 -11.67 30.50
N PHE D 61 -18.75 -10.43 30.37
CA PHE D 61 -17.48 -10.18 29.71
C PHE D 61 -16.38 -10.19 30.76
N SER D 62 -15.40 -11.07 30.60
CA SER D 62 -14.26 -11.08 31.51
C SER D 62 -13.01 -11.42 30.73
N ASP D 63 -11.87 -11.10 31.31
CA ASP D 63 -10.57 -11.25 30.64
C ASP D 63 -9.60 -11.90 31.61
N SER D 64 -8.83 -12.87 31.14
CA SER D 64 -7.83 -13.52 31.97
C SER D 64 -6.55 -13.61 31.15
N SER D 65 -5.43 -13.78 31.84
CA SER D 65 -4.15 -13.67 31.16
C SER D 65 -3.18 -14.68 31.74
N SER D 66 -2.43 -15.31 30.84
CA SER D 66 -1.47 -16.34 31.23
C SER D 66 -0.35 -16.29 30.21
N GLY D 67 0.85 -15.96 30.69
CA GLY D 67 2.00 -15.93 29.82
C GLY D 67 1.89 -14.80 28.83
N THR D 68 1.94 -15.15 27.55
CA THR D 68 1.81 -14.17 26.47
C THR D 68 0.40 -14.13 25.88
N THR D 69 -0.59 -14.72 26.54
CA THR D 69 -1.93 -14.84 26.00
C THR D 69 -2.94 -14.28 26.99
N VAL D 70 -3.86 -13.45 26.48
CA VAL D 70 -5.02 -13.04 27.26
C VAL D 70 -6.23 -13.65 26.59
N THR D 71 -7.25 -13.99 27.37
CA THR D 71 -8.45 -14.58 26.83
C THR D 71 -9.65 -13.74 27.26
N LEU D 72 -10.37 -13.21 26.28
CA LEU D 72 -11.65 -12.55 26.55
C LEU D 72 -12.71 -13.64 26.53
N THR D 73 -13.44 -13.77 27.63
CA THR D 73 -14.46 -14.81 27.78
C THR D 73 -15.80 -14.10 27.84
N ILE D 74 -16.70 -14.50 26.97
CA ILE D 74 -18.07 -14.03 26.97
C ILE D 74 -18.90 -15.23 27.44
N SER D 75 -19.30 -15.22 28.72
CA SER D 75 -20.12 -16.30 29.25
C SER D 75 -21.56 -16.11 28.81
N ALA D 76 -22.28 -17.22 28.65
CA ALA D 76 -23.69 -17.21 28.27
C ALA D 76 -23.97 -16.15 27.20
N ALA D 77 -23.31 -16.33 26.05
CA ALA D 77 -23.35 -15.34 24.98
C ALA D 77 -24.78 -15.04 24.55
N GLN D 78 -25.06 -13.76 24.32
CA GLN D 78 -26.36 -13.30 23.87
C GLN D 78 -26.29 -12.91 22.41
N ALA D 79 -27.43 -12.92 21.73
CA ALA D 79 -27.44 -12.50 20.33
C ALA D 79 -26.84 -11.11 20.16
N GLU D 80 -27.06 -10.24 21.14
CA GLU D 80 -26.56 -8.87 21.13
C GLU D 80 -25.04 -8.80 21.20
N ASP D 81 -24.36 -9.90 21.54
CA ASP D 81 -22.90 -9.88 21.62
C ASP D 81 -22.22 -10.14 20.27
N GLU D 82 -22.98 -10.44 19.23
CA GLU D 82 -22.38 -10.67 17.92
C GLU D 82 -21.78 -9.35 17.41
N ALA D 83 -20.50 -9.40 17.07
CA ALA D 83 -19.71 -8.19 16.84
C ALA D 83 -18.30 -8.62 16.46
N ASP D 84 -17.51 -7.65 15.99
CA ASP D 84 -16.08 -7.80 15.85
C ASP D 84 -15.42 -7.34 17.15
N TYR D 85 -14.47 -8.12 17.64
CA TYR D 85 -13.76 -7.81 18.88
C TYR D 85 -12.29 -7.61 18.52
N TYR D 86 -11.75 -6.45 18.86
CA TYR D 86 -10.36 -6.11 18.54
C TYR D 86 -9.54 -6.10 19.81
N CYS D 87 -8.43 -6.86 19.85
CA CYS D 87 -7.55 -6.57 20.97
C CYS D 87 -6.53 -5.51 20.58
N GLN D 88 -5.93 -4.90 21.59
CA GLN D 88 -5.07 -3.74 21.33
C GLN D 88 -4.07 -3.61 22.47
N SER D 89 -2.85 -3.23 22.14
CA SER D 89 -1.86 -2.96 23.17
C SER D 89 -0.97 -1.82 22.68
N VAL D 90 0.08 -1.52 23.44
CA VAL D 90 0.95 -0.38 23.15
C VAL D 90 2.32 -0.72 23.71
N ASP D 91 3.37 -0.14 23.16
CA ASP D 91 4.66 -0.31 23.80
C ASP D 91 4.97 0.93 24.65
N SER D 92 6.10 0.87 25.36
CA SER D 92 6.43 1.96 26.25
C SER D 92 6.74 3.27 25.51
N SER D 93 6.97 3.21 24.20
CA SER D 93 7.21 4.43 23.41
C SER D 93 5.94 5.04 22.84
N GLY D 94 4.79 4.39 23.01
CA GLY D 94 3.55 4.96 22.55
C GLY D 94 3.06 4.43 21.22
N THR D 95 3.68 3.38 20.68
CA THR D 95 3.16 2.80 19.45
C THR D 95 1.99 1.88 19.77
N TYR D 96 0.88 2.09 19.09
CA TYR D 96 -0.34 1.31 19.32
C TYR D 96 -0.44 0.24 18.26
N VAL D 97 -0.89 -0.94 18.67
CA VAL D 97 -1.12 -2.06 17.75
C VAL D 97 -2.49 -2.65 18.01
N PHE D 98 -3.23 -2.91 16.95
CA PHE D 98 -4.50 -3.66 16.99
C PHE D 98 -4.28 -5.05 16.41
N GLY D 99 -4.98 -6.06 16.95
CA GLY D 99 -5.05 -7.35 16.28
C GLY D 99 -5.95 -7.21 15.06
N ILE D 100 -6.09 -8.29 14.29
CA ILE D 100 -6.89 -8.23 13.06
C ILE D 100 -8.39 -8.11 13.30
N GLY D 101 -8.87 -8.36 14.52
CA GLY D 101 -10.30 -8.40 14.81
C GLY D 101 -10.82 -9.83 14.70
N THR D 102 -11.55 -10.29 15.71
CA THR D 102 -12.25 -11.58 15.68
C THR D 102 -13.72 -11.33 15.43
N LYS D 103 -14.24 -11.84 14.32
CA LYS D 103 -15.67 -11.81 14.04
C LYS D 103 -16.31 -12.87 14.92
N VAL D 104 -17.04 -12.45 15.94
CA VAL D 104 -17.72 -13.37 16.83
C VAL D 104 -19.16 -13.49 16.36
N THR D 105 -19.50 -14.64 15.79
CA THR D 105 -20.86 -14.93 15.35
C THR D 105 -21.57 -15.67 16.48
N VAL D 106 -22.74 -15.17 16.89
CA VAL D 106 -23.58 -15.89 17.82
C VAL D 106 -24.53 -16.70 16.94
N LEU D 107 -24.15 -17.95 16.71
CA LEU D 107 -24.72 -18.75 15.65
C LEU D 107 -26.01 -19.42 16.12
N GLY D 108 -27.12 -19.03 15.51
CA GLY D 108 -28.38 -19.67 15.81
C GLY D 108 -28.41 -21.11 15.34
N ARG D 109 -29.34 -21.87 15.91
CA ARG D 109 -29.44 -23.29 15.60
C ARG D 109 -30.21 -23.54 14.31
N THR D 110 -31.15 -22.66 13.97
CA THR D 110 -31.98 -22.88 12.79
C THR D 110 -31.20 -22.69 11.51
N VAL D 111 -31.40 -23.59 10.56
CA VAL D 111 -30.77 -23.48 9.25
C VAL D 111 -31.86 -23.20 8.24
N ALA D 112 -31.83 -22.01 7.65
CA ALA D 112 -32.82 -21.58 6.67
C ALA D 112 -32.17 -21.62 5.30
N ALA D 113 -32.71 -22.47 4.42
CA ALA D 113 -32.19 -22.57 3.06
C ALA D 113 -32.64 -21.34 2.26
N PRO D 114 -31.81 -20.88 1.33
CA PRO D 114 -32.21 -19.73 0.49
C PRO D 114 -33.24 -20.13 -0.54
N SER D 115 -34.16 -19.23 -0.82
CA SER D 115 -34.87 -19.34 -2.08
C SER D 115 -34.04 -18.59 -3.12
N VAL D 116 -34.05 -19.09 -4.35
CA VAL D 116 -33.13 -18.61 -5.39
C VAL D 116 -33.95 -18.13 -6.58
N PHE D 117 -33.59 -16.95 -7.08
CA PHE D 117 -34.26 -16.29 -8.20
C PHE D 117 -33.19 -15.79 -9.17
N ILE D 118 -33.49 -15.82 -10.47
CA ILE D 118 -32.54 -15.33 -11.46
C ILE D 118 -33.26 -14.34 -12.36
N PHE D 119 -32.56 -13.25 -12.72
CA PHE D 119 -33.14 -12.19 -13.53
C PHE D 119 -32.32 -11.99 -14.80
N PRO D 120 -32.90 -12.17 -15.98
CA PRO D 120 -32.19 -11.84 -17.22
C PRO D 120 -31.96 -10.34 -17.32
N PRO D 121 -31.01 -9.89 -18.13
CA PRO D 121 -30.84 -8.44 -18.33
C PRO D 121 -32.08 -7.86 -19.00
N SER D 122 -32.39 -6.62 -18.67
CA SER D 122 -33.53 -5.95 -19.29
C SER D 122 -33.17 -5.50 -20.70
N ASP D 123 -34.20 -5.40 -21.55
CA ASP D 123 -33.97 -4.84 -22.89
C ASP D 123 -33.49 -3.40 -22.81
N GLU D 124 -33.94 -2.64 -21.81
CA GLU D 124 -33.43 -1.28 -21.62
C GLU D 124 -31.91 -1.28 -21.51
N GLN D 125 -31.37 -2.17 -20.66
CA GLN D 125 -29.92 -2.21 -20.48
C GLN D 125 -29.22 -2.75 -21.73
N LEU D 126 -29.80 -3.73 -22.40
CA LEU D 126 -29.16 -4.29 -23.58
C LEU D 126 -29.00 -3.26 -24.70
N LYS D 127 -29.79 -2.19 -24.67
CA LYS D 127 -29.58 -1.07 -25.59
C LYS D 127 -28.21 -0.45 -25.39
N SER D 128 -27.85 -0.18 -24.14
CA SER D 128 -26.59 0.47 -23.78
C SER D 128 -25.38 -0.43 -23.97
N GLY D 129 -25.48 -1.63 -24.53
CA GLY D 129 -24.30 -2.41 -24.80
C GLY D 129 -23.76 -3.24 -23.65
N THR D 130 -24.46 -3.28 -22.51
CA THR D 130 -24.07 -4.12 -21.39
C THR D 130 -25.23 -5.01 -20.97
N ALA D 131 -24.88 -6.20 -20.47
CA ALA D 131 -25.85 -7.17 -19.96
C ALA D 131 -25.50 -7.53 -18.52
N SER D 132 -26.41 -7.20 -17.59
CA SER D 132 -26.26 -7.59 -16.20
C SER D 132 -27.23 -8.72 -15.90
N VAL D 133 -26.71 -9.83 -15.38
CA VAL D 133 -27.54 -10.95 -14.97
C VAL D 133 -27.46 -11.06 -13.45
N VAL D 134 -28.61 -11.11 -12.78
CA VAL D 134 -28.67 -11.05 -11.32
C VAL D 134 -29.22 -12.35 -10.77
N CYS D 135 -28.53 -12.88 -9.76
CA CYS D 135 -28.96 -14.03 -8.99
C CYS D 135 -29.26 -13.57 -7.58
N LEU D 136 -30.44 -13.93 -7.07
CA LEU D 136 -30.89 -13.52 -5.75
C LEU D 136 -31.05 -14.75 -4.85
N LEU D 137 -30.44 -14.69 -3.67
CA LEU D 137 -30.63 -15.66 -2.60
C LEU D 137 -31.35 -14.96 -1.45
N ASN D 138 -32.47 -15.51 -1.00
CA ASN D 138 -33.30 -14.78 -0.05
C ASN D 138 -33.60 -15.62 1.18
N ASN D 139 -33.62 -14.96 2.36
CA ASN D 139 -34.13 -15.58 3.60
C ASN D 139 -33.31 -16.82 3.98
N PHE D 140 -32.00 -16.67 4.06
CA PHE D 140 -31.17 -17.83 4.41
C PHE D 140 -30.32 -17.55 5.65
N TYR D 141 -29.95 -18.64 6.32
CA TYR D 141 -29.13 -18.59 7.52
C TYR D 141 -28.53 -19.99 7.72
N PRO D 142 -27.23 -20.11 8.02
CA PRO D 142 -26.24 -19.06 8.27
C PRO D 142 -25.81 -18.32 7.03
N ARG D 143 -24.92 -17.35 7.25
CA ARG D 143 -24.49 -16.43 6.18
C ARG D 143 -23.66 -17.13 5.11
N GLU D 144 -22.96 -18.19 5.46
CA GLU D 144 -22.05 -18.83 4.51
C GLU D 144 -22.84 -19.44 3.35
N ALA D 145 -22.62 -18.90 2.15
CA ALA D 145 -23.24 -19.43 0.95
C ALA D 145 -22.21 -19.38 -0.17
N LYS D 146 -22.39 -20.27 -1.14
CA LYS D 146 -21.52 -20.34 -2.31
C LYS D 146 -22.40 -20.14 -3.53
N VAL D 147 -22.08 -19.13 -4.34
CA VAL D 147 -22.84 -18.81 -5.54
C VAL D 147 -21.88 -18.84 -6.71
N GLN D 148 -22.15 -19.73 -7.66
CA GLN D 148 -21.27 -19.95 -8.80
C GLN D 148 -22.02 -19.69 -10.09
N TRP D 149 -21.48 -18.82 -10.92
CA TRP D 149 -22.06 -18.52 -12.23
C TRP D 149 -21.57 -19.55 -13.24
N LYS D 150 -22.50 -20.14 -13.98
CA LYS D 150 -22.17 -20.97 -15.12
C LYS D 150 -22.87 -20.41 -16.36
N VAL D 151 -22.07 -20.13 -17.39
CA VAL D 151 -22.60 -19.66 -18.66
C VAL D 151 -22.29 -20.76 -19.67
N ASP D 152 -23.35 -21.36 -20.21
CA ASP D 152 -23.23 -22.50 -21.11
C ASP D 152 -22.54 -23.65 -20.39
N ASN D 153 -23.00 -23.89 -19.16
CA ASN D 153 -22.49 -24.93 -18.26
C ASN D 153 -20.98 -24.82 -18.03
N ALA D 154 -20.44 -23.60 -18.10
CA ALA D 154 -19.03 -23.33 -17.88
C ALA D 154 -18.88 -22.34 -16.72
N LEU D 155 -18.16 -22.77 -15.68
CA LEU D 155 -17.95 -21.93 -14.51
C LEU D 155 -17.24 -20.64 -14.89
N GLN D 156 -17.77 -19.53 -14.35
CA GLN D 156 -17.24 -18.20 -14.68
C GLN D 156 -16.32 -17.69 -13.57
N SER D 157 -15.44 -16.76 -13.90
CA SER D 157 -14.46 -16.21 -12.97
C SER D 157 -14.13 -14.78 -13.38
N GLY D 158 -14.02 -13.90 -12.39
CA GLY D 158 -13.55 -12.55 -12.63
C GLY D 158 -14.53 -11.60 -13.25
N ASN D 159 -15.79 -12.01 -13.47
CA ASN D 159 -16.77 -11.10 -14.05
C ASN D 159 -18.07 -11.07 -13.24
N SER D 160 -18.01 -11.36 -11.95
CA SER D 160 -19.19 -11.20 -11.11
C SER D 160 -18.81 -10.52 -9.80
N GLN D 161 -19.84 -9.96 -9.15
CA GLN D 161 -19.70 -9.30 -7.86
C GLN D 161 -20.87 -9.69 -6.97
N GLU D 162 -20.58 -9.91 -5.69
CA GLU D 162 -21.57 -10.31 -4.71
C GLU D 162 -21.83 -9.20 -3.72
N SER D 163 -23.06 -9.16 -3.20
CA SER D 163 -23.42 -8.27 -2.11
C SER D 163 -24.31 -9.03 -1.14
N VAL D 164 -24.02 -8.92 0.15
CA VAL D 164 -24.80 -9.58 1.20
C VAL D 164 -25.39 -8.50 2.08
N THR D 165 -26.68 -8.64 2.41
CA THR D 165 -27.26 -7.72 3.36
C THR D 165 -26.61 -7.89 4.73
N GLU D 166 -26.75 -6.86 5.55
CA GLU D 166 -26.71 -7.10 6.98
C GLU D 166 -27.81 -8.09 7.37
N GLN D 167 -27.66 -8.69 8.55
CA GLN D 167 -28.69 -9.65 9.04
C GLN D 167 -30.03 -8.91 9.12
N ASP D 168 -31.03 -9.44 8.43
CA ASP D 168 -32.34 -8.79 8.39
C ASP D 168 -32.87 -8.62 9.80
N SER D 169 -33.40 -7.43 10.09
CA SER D 169 -33.74 -7.08 11.46
C SER D 169 -34.88 -7.94 11.99
N LYS D 170 -35.88 -8.19 11.16
CA LYS D 170 -37.08 -8.91 11.61
C LYS D 170 -36.90 -10.42 11.58
N ASP D 171 -36.33 -10.94 10.51
CA ASP D 171 -36.27 -12.39 10.31
C ASP D 171 -34.95 -13.00 10.75
N SER D 172 -33.93 -12.18 11.04
CA SER D 172 -32.59 -12.65 11.41
C SER D 172 -32.03 -13.61 10.36
N THR D 173 -32.26 -13.28 9.09
CA THR D 173 -31.69 -14.03 7.99
C THR D 173 -30.94 -13.07 7.08
N TYR D 174 -30.34 -13.63 6.05
CA TYR D 174 -29.56 -12.89 5.07
C TYR D 174 -30.20 -12.99 3.71
N SER D 175 -29.90 -12.01 2.88
CA SER D 175 -30.12 -12.10 1.44
C SER D 175 -28.82 -11.77 0.75
N LEU D 176 -28.67 -12.27 -0.47
CA LEU D 176 -27.42 -12.12 -1.20
C LEU D 176 -27.72 -11.87 -2.66
N SER D 177 -27.00 -10.93 -3.24
CA SER D 177 -27.08 -10.62 -4.66
C SER D 177 -25.77 -10.99 -5.32
N SER D 178 -25.87 -11.62 -6.49
CA SER D 178 -24.71 -11.88 -7.34
C SER D 178 -25.04 -11.37 -8.73
N THR D 179 -24.15 -10.53 -9.27
CA THR D 179 -24.39 -9.87 -10.55
C THR D 179 -23.27 -10.23 -11.50
N LEU D 180 -23.63 -10.85 -12.62
CA LEU D 180 -22.70 -11.17 -13.68
C LEU D 180 -22.84 -10.11 -14.76
N THR D 181 -21.75 -9.45 -15.11
CA THR D 181 -21.76 -8.35 -16.08
C THR D 181 -20.97 -8.78 -17.31
N LEU D 182 -21.64 -8.80 -18.46
CA LEU D 182 -21.01 -9.12 -19.72
C LEU D 182 -21.32 -8.03 -20.73
N SER D 183 -20.42 -7.85 -21.69
CA SER D 183 -20.77 -7.03 -22.84
C SER D 183 -21.97 -7.65 -23.55
N LYS D 184 -22.84 -6.79 -24.06
CA LYS D 184 -23.97 -7.25 -24.86
C LYS D 184 -23.52 -8.20 -25.98
N ALA D 185 -22.24 -8.12 -26.37
CA ALA D 185 -21.69 -9.03 -27.38
C ALA D 185 -21.53 -10.44 -26.85
N ASP D 186 -20.78 -10.62 -25.76
CA ASP D 186 -20.67 -11.99 -25.23
C ASP D 186 -21.98 -12.53 -24.73
N TYR D 187 -22.88 -11.66 -24.25
CA TYR D 187 -24.19 -12.14 -23.80
C TYR D 187 -24.91 -12.88 -24.92
N GLU D 188 -25.04 -12.23 -26.07
CA GLU D 188 -25.71 -12.84 -27.21
C GLU D 188 -24.88 -13.94 -27.87
N LYS D 189 -23.67 -14.20 -27.40
CA LYS D 189 -22.86 -15.31 -27.89
C LYS D 189 -23.15 -16.63 -27.18
N HIS D 190 -23.91 -16.57 -26.09
CA HIS D 190 -24.18 -17.79 -25.27
C HIS D 190 -25.67 -17.99 -25.07
N LYS D 191 -26.06 -19.17 -24.60
CA LYS D 191 -27.47 -19.50 -24.49
C LYS D 191 -27.95 -19.74 -23.07
N VAL D 192 -27.20 -20.48 -22.24
CA VAL D 192 -27.67 -20.91 -20.94
C VAL D 192 -26.96 -20.12 -19.85
N TYR D 193 -27.75 -19.44 -19.02
CA TYR D 193 -27.25 -18.62 -17.93
C TYR D 193 -27.78 -19.17 -16.63
N ALA D 194 -26.88 -19.51 -15.71
CA ALA D 194 -27.29 -20.19 -14.49
C ALA D 194 -26.43 -19.74 -13.31
N CYS D 195 -27.04 -19.71 -12.12
CA CYS D 195 -26.28 -19.58 -10.90
C CYS D 195 -26.53 -20.82 -10.05
N GLU D 196 -25.44 -21.41 -9.56
CA GLU D 196 -25.47 -22.61 -8.75
C GLU D 196 -25.21 -22.24 -7.30
N VAL D 197 -26.07 -22.68 -6.40
CA VAL D 197 -26.03 -22.23 -5.01
C VAL D 197 -25.79 -23.44 -4.10
N THR D 198 -24.81 -23.31 -3.21
CA THR D 198 -24.53 -24.27 -2.17
C THR D 198 -24.77 -23.60 -0.83
N HIS D 199 -25.53 -24.27 0.02
CA HIS D 199 -25.81 -23.73 1.35
C HIS D 199 -26.12 -24.90 2.27
N GLN D 200 -25.71 -24.77 3.53
CA GLN D 200 -25.93 -25.82 4.51
C GLN D 200 -27.38 -26.28 4.60
N GLY D 201 -28.33 -25.39 4.28
CA GLY D 201 -29.74 -25.76 4.32
C GLY D 201 -30.23 -26.56 3.15
N LEU D 202 -29.42 -26.69 2.11
CA LEU D 202 -29.79 -27.41 0.91
C LEU D 202 -29.15 -28.79 0.94
N SER D 203 -29.96 -29.83 0.79
CA SER D 203 -29.41 -31.20 0.78
C SER D 203 -28.41 -31.41 -0.34
N SER D 204 -28.48 -30.61 -1.41
CA SER D 204 -27.48 -30.63 -2.47
C SER D 204 -27.56 -29.32 -3.22
N PRO D 205 -26.54 -28.98 -4.02
CA PRO D 205 -26.57 -27.72 -4.77
C PRO D 205 -27.79 -27.62 -5.68
N VAL D 206 -28.28 -26.39 -5.84
CA VAL D 206 -29.44 -26.13 -6.68
C VAL D 206 -29.06 -25.07 -7.71
N THR D 207 -29.67 -25.18 -8.89
CA THR D 207 -29.34 -24.31 -10.02
C THR D 207 -30.61 -23.69 -10.55
N LYS D 208 -30.62 -22.36 -10.66
CA LYS D 208 -31.64 -21.60 -11.37
C LYS D 208 -31.03 -21.09 -12.67
N SER D 209 -31.74 -21.30 -13.78
CA SER D 209 -31.20 -20.92 -15.09
C SER D 209 -32.31 -20.36 -15.95
N PHE D 210 -31.88 -19.68 -17.01
CA PHE D 210 -32.76 -19.32 -18.12
C PHE D 210 -31.97 -19.44 -19.41
N ASN D 211 -32.66 -19.67 -20.52
CA ASN D 211 -32.06 -19.63 -21.84
C ASN D 211 -32.39 -18.29 -22.50
N ARG D 212 -31.37 -17.63 -23.02
CA ARG D 212 -31.58 -16.36 -23.71
C ARG D 212 -32.59 -16.56 -24.84
N GLY D 213 -33.61 -15.72 -24.86
CA GLY D 213 -34.73 -15.91 -25.77
C GLY D 213 -35.71 -16.95 -25.26
N ASN E 7 32.24 0.67 25.28
CA ASN E 7 31.26 -0.41 25.27
C ASN E 7 30.27 -0.27 24.11
N ASP E 8 30.80 -0.08 22.90
CA ASP E 8 30.00 -0.01 21.68
C ASP E 8 30.31 -1.18 20.78
N PHE E 9 29.27 -1.71 20.13
CA PHE E 9 29.40 -2.96 19.38
C PHE E 9 29.09 -2.79 17.89
N HIS E 10 29.00 -1.56 17.43
CA HIS E 10 28.92 -1.37 15.98
C HIS E 10 30.25 -1.86 15.38
N PHE E 11 30.19 -2.58 14.28
CA PHE E 11 31.34 -3.11 13.56
C PHE E 11 32.17 -4.10 14.39
N GLU E 12 31.62 -4.64 15.47
CA GLU E 12 32.32 -5.64 16.25
C GLU E 12 31.76 -7.02 15.92
N VAL E 13 32.31 -8.05 16.55
CA VAL E 13 31.94 -9.43 16.22
C VAL E 13 31.09 -10.09 17.30
N PHE E 14 30.97 -9.50 18.48
CA PHE E 14 30.28 -10.14 19.61
C PHE E 14 29.61 -9.06 20.44
N ASN E 15 28.28 -9.10 20.56
CA ASN E 15 27.54 -8.14 21.37
C ASN E 15 27.22 -8.75 22.73
N PHE E 16 27.25 -7.93 23.78
CA PHE E 16 27.05 -8.43 25.13
C PHE E 16 25.56 -8.51 25.43
N VAL E 17 25.08 -9.72 25.67
CA VAL E 17 23.69 -10.00 26.01
C VAL E 17 23.66 -10.48 27.45
N PRO E 18 22.97 -9.79 28.37
CA PRO E 18 23.01 -10.18 29.78
C PRO E 18 22.21 -11.45 30.05
N CYS E 19 22.75 -12.30 30.92
CA CYS E 19 22.09 -13.56 31.21
C CYS E 19 20.77 -13.34 31.93
N SER E 20 20.55 -12.17 32.53
CA SER E 20 19.31 -11.92 33.26
C SER E 20 18.08 -11.97 32.37
N ILE E 21 18.22 -11.81 31.05
CA ILE E 21 17.09 -11.82 30.13
C ILE E 21 16.84 -13.17 29.48
N CYS E 22 17.61 -14.21 29.84
CA CYS E 22 17.60 -15.42 29.03
C CYS E 22 16.42 -16.33 29.32
N SER E 23 15.80 -16.22 30.49
CA SER E 23 14.61 -17.03 30.79
C SER E 23 14.89 -18.50 30.55
N ASN E 24 14.16 -19.13 29.64
CA ASN E 24 14.46 -20.52 29.32
C ASN E 24 14.80 -20.68 27.84
N ASN E 25 15.32 -19.62 27.21
CA ASN E 25 15.77 -19.65 25.83
C ASN E 25 17.18 -20.23 25.76
N PRO E 26 17.37 -21.40 25.16
CA PRO E 26 18.71 -22.02 25.16
C PRO E 26 19.72 -21.27 24.33
N THR E 27 19.28 -20.58 23.27
CA THR E 27 20.21 -19.77 22.48
C THR E 27 20.80 -18.66 23.33
N CYS E 28 19.93 -17.98 24.07
CA CYS E 28 20.37 -16.91 24.96
C CYS E 28 21.42 -17.41 25.95
N TRP E 29 21.13 -18.52 26.64
CA TRP E 29 22.08 -19.05 27.62
C TRP E 29 23.40 -19.42 26.98
N ALA E 30 23.38 -19.81 25.70
CA ALA E 30 24.60 -20.23 25.03
C ALA E 30 25.58 -19.07 24.84
N ILE E 31 25.07 -17.84 24.68
CA ILE E 31 25.91 -16.70 24.31
C ILE E 31 25.93 -15.60 25.36
N CYS E 32 25.12 -15.67 26.42
CA CYS E 32 24.97 -14.53 27.31
C CYS E 32 26.19 -14.37 28.22
N LYS E 33 26.32 -13.17 28.78
CA LYS E 33 27.36 -12.80 29.72
C LYS E 33 26.72 -12.31 31.02
N ARG E 34 27.37 -12.64 32.14
CA ARG E 34 26.88 -12.18 33.46
C ARG E 34 27.34 -10.74 33.66
N ASN F 7 -5.52 5.87 40.83
CA ASN F 7 -4.70 6.79 40.03
C ASN F 7 -4.84 6.45 38.54
N ASP F 8 -6.05 6.11 38.11
CA ASP F 8 -6.25 5.84 36.70
C ASP F 8 -7.19 6.89 36.11
N PHE F 9 -6.98 7.20 34.83
CA PHE F 9 -7.69 8.32 34.20
C PHE F 9 -8.53 7.93 32.99
N HIS F 10 -8.67 6.62 32.72
CA HIS F 10 -9.70 6.19 31.77
C HIS F 10 -11.07 6.65 32.26
N PHE F 11 -11.87 7.17 31.32
CA PHE F 11 -13.22 7.66 31.58
C PHE F 11 -13.28 8.81 32.60
N GLU F 12 -12.18 9.51 32.81
CA GLU F 12 -12.17 10.64 33.73
C GLU F 12 -12.18 11.93 32.90
N VAL F 13 -12.20 13.09 33.57
CA VAL F 13 -12.24 14.35 32.84
C VAL F 13 -10.93 15.12 32.89
N PHE F 14 -9.96 14.70 33.72
CA PHE F 14 -8.73 15.46 33.89
C PHE F 14 -7.58 14.49 34.18
N ASN F 15 -6.59 14.44 33.27
CA ASN F 15 -5.41 13.59 33.44
C ASN F 15 -4.28 14.38 34.10
N PHE F 16 -3.49 13.72 34.93
CA PHE F 16 -2.45 14.42 35.67
C PHE F 16 -1.15 14.47 34.85
N VAL F 17 -0.75 15.68 34.48
CA VAL F 17 0.46 15.93 33.71
C VAL F 17 1.46 16.64 34.62
N PRO F 18 2.62 16.07 34.88
CA PRO F 18 3.54 16.68 35.85
C PRO F 18 4.18 17.94 35.28
N CYS F 19 4.30 18.96 36.13
CA CYS F 19 4.89 20.22 35.65
C CYS F 19 6.35 20.05 35.25
N SER F 20 6.98 18.94 35.65
CA SER F 20 8.39 18.73 35.36
C SER F 20 8.68 18.54 33.87
N ILE F 21 7.69 18.15 33.07
CA ILE F 21 7.89 17.93 31.64
C ILE F 21 7.56 19.17 30.82
N CYS F 22 7.22 20.29 31.48
CA CYS F 22 6.56 21.35 30.73
C CYS F 22 7.51 22.23 29.93
N SER F 23 8.74 22.36 30.39
CA SER F 23 9.74 23.14 29.61
C SER F 23 9.20 24.54 29.30
N ASN F 24 9.07 24.87 28.02
CA ASN F 24 8.55 26.18 27.62
C ASN F 24 7.26 26.06 26.83
N ASN F 25 6.51 24.98 27.04
CA ASN F 25 5.21 24.80 26.41
C ASN F 25 4.12 25.43 27.27
N PRO F 26 3.49 26.52 26.83
CA PRO F 26 2.48 27.16 27.69
C PRO F 26 1.23 26.33 27.90
N THR F 27 0.83 25.49 26.94
CA THR F 27 -0.29 24.58 27.18
C THR F 27 -0.01 23.71 28.39
N CYS F 28 1.18 23.09 28.40
CA CYS F 28 1.58 22.25 29.52
C CYS F 28 1.49 23.02 30.84
N TRP F 29 2.05 24.24 30.88
CA TRP F 29 2.02 24.99 32.14
C TRP F 29 0.60 25.30 32.57
N ALA F 30 -0.32 25.46 31.60
CA ALA F 30 -1.70 25.82 31.96
C ALA F 30 -2.42 24.70 32.72
N ILE F 31 -2.08 23.43 32.47
CA ILE F 31 -2.83 22.31 33.03
C ILE F 31 -2.01 21.43 33.95
N CYS F 32 -0.71 21.66 34.11
CA CYS F 32 0.13 20.69 34.79
C CYS F 32 -0.06 20.75 36.30
N LYS F 33 0.30 19.64 36.96
CA LYS F 33 0.20 19.46 38.41
C LYS F 33 1.60 19.23 38.96
N ARG F 34 1.81 19.63 40.20
CA ARG F 34 3.12 19.48 40.81
C ARG F 34 3.25 18.14 41.51
S SO4 G . 4.47 1.11 12.92
O1 SO4 G . 5.68 1.73 13.32
O2 SO4 G . 3.39 1.63 13.68
O3 SO4 G . 4.25 1.35 11.53
O4 SO4 G . 4.56 -0.31 13.15
S SO4 H . -32.20 -19.53 15.69
O1 SO4 H . -32.09 -20.85 16.25
O2 SO4 H . -31.86 -18.55 16.67
O3 SO4 H . -31.33 -19.43 14.57
O4 SO4 H . -33.56 -19.33 15.27
S SO4 I . 30.47 -14.37 31.82
O1 SO4 I . 30.96 -14.87 33.07
O2 SO4 I . 30.16 -12.98 31.95
O3 SO4 I . 31.47 -14.55 30.81
O4 SO4 I . 29.29 -15.10 31.45
S SO4 J . -0.72 22.10 41.74
O1 SO4 J . -0.03 20.84 41.81
O2 SO4 J . -0.03 23.07 42.53
O3 SO4 J . -0.76 22.53 40.37
O4 SO4 J . -2.05 21.93 42.22
#